data_8A1F
#
_entry.id   8A1F
#
_cell.length_a   87.790
_cell.length_b   93.862
_cell.length_c   181.737
_cell.angle_alpha   90.000
_cell.angle_beta   90.000
_cell.angle_gamma   90.000
#
_symmetry.space_group_name_H-M   'P 21 21 21'
#
loop_
_entity.id
_entity.type
_entity.pdbx_description
1 polymer 'Receptor-type tyrosine-protein phosphatase kappa'
2 branched 2-acetamido-2-deoxy-beta-D-glucopyranose-(1-4)-[alpha-L-fucopyranose-(1-6)]2-acetamido-2-deoxy-beta-D-glucopyranose
3 branched alpha-D-mannopyranose-(1-3)-beta-D-mannopyranose-(1-4)-2-acetamido-2-deoxy-beta-D-glucopyranose-(1-4)-2-acetamido-2-deoxy-beta-D-glucopyranose
4 branched 2-acetamido-2-deoxy-beta-D-glucopyranose-(1-4)-2-acetamido-2-deoxy-beta-D-glucopyranose
5 branched beta-D-mannopyranose-(1-4)-2-acetamido-2-deoxy-beta-D-glucopyranose-(1-4)-2-acetamido-2-deoxy-beta-D-glucopyranose
6 non-polymer 2-acetamido-2-deoxy-beta-D-glucopyranose
7 non-polymer 'SODIUM ION'
8 water water
#
_entity_poly.entity_id   1
_entity_poly.type   'polypeptide(L)'
_entity_poly.pdbx_seq_one_letter_code
;ETGQGQFSAGGCTFDDGPGACDYHQDLYDDFEWVHVSAQEPHYLPPEMPQGSYMIVDSSDHDPGEKARLQLPTMKENDTH
CIDFSYLLYSQKGLNPGTLNILVRVNKGPLANPIWNVTGFTGRDWLRAELAVSTFWPNEYQVIFEAEVSGGRSGYIAIDD
IQVLSYPCDKSPHFLRLGDVEVNAGQNATFQCIATGRDAVHNKLWLQRRNGEDIPVAQTKNINHRRFAASFRLQEVTKTD
QDLYRCVTQSERGSGVSNFAQLIVREPPRPIAPPQLLGVGPTYLLIQLNANSIIGDGPIILKEVEYRMTSGSWTETHAVN
APTYKLWHLDPDTEYEIRVLLTRPGEGGTGLPGPPLITRTKGTKHHHHHH
;
_entity_poly.pdbx_strand_id   A,B
#
# COMPACT_ATOMS: atom_id res chain seq x y z
N PHE A 7 -23.65 -41.74 9.45
CA PHE A 7 -22.47 -41.09 8.87
C PHE A 7 -22.74 -40.64 7.43
N SER A 8 -21.79 -39.89 6.87
CA SER A 8 -21.95 -39.36 5.53
C SER A 8 -21.86 -40.48 4.49
N ALA A 9 -22.43 -40.21 3.32
CA ALA A 9 -22.39 -41.17 2.23
C ALA A 9 -21.06 -41.11 1.49
N GLY A 10 -20.72 -42.20 0.82
CA GLY A 10 -19.49 -42.25 0.07
C GLY A 10 -18.58 -43.42 0.38
N GLY A 11 -18.90 -44.19 1.41
CA GLY A 11 -18.18 -45.41 1.69
C GLY A 11 -18.67 -46.59 0.87
N CYS A 12 -18.05 -47.75 1.12
CA CYS A 12 -18.42 -48.97 0.40
C CYS A 12 -17.88 -50.22 1.06
N THR A 13 -18.72 -51.23 1.23
CA THR A 13 -18.28 -52.56 1.64
C THR A 13 -18.04 -53.49 0.45
N PHE A 14 -18.62 -53.19 -0.70
CA PHE A 14 -18.53 -53.92 -1.97
C PHE A 14 -19.34 -55.21 -1.96
N ASP A 15 -20.23 -55.39 -0.98
CA ASP A 15 -21.09 -56.58 -0.98
C ASP A 15 -22.02 -56.58 -2.19
N ASP A 16 -22.51 -55.40 -2.57
CA ASP A 16 -23.36 -55.26 -3.75
C ASP A 16 -22.59 -54.78 -4.96
N GLY A 17 -21.27 -54.66 -4.86
CA GLY A 17 -20.45 -54.22 -5.96
C GLY A 17 -20.14 -52.74 -5.88
N PRO A 18 -19.21 -52.26 -6.72
CA PRO A 18 -18.84 -50.85 -6.65
C PRO A 18 -19.92 -49.91 -7.13
N GLY A 19 -20.68 -50.32 -8.14
CA GLY A 19 -21.70 -49.43 -8.70
C GLY A 19 -22.78 -49.05 -7.70
N ALA A 20 -23.11 -49.95 -6.78
CA ALA A 20 -24.09 -49.62 -5.75
C ALA A 20 -23.59 -48.52 -4.83
N CYS A 21 -22.28 -48.27 -4.80
CA CYS A 21 -21.69 -47.22 -3.99
C CYS A 21 -21.40 -45.96 -4.80
N ASP A 22 -21.83 -45.91 -6.06
CA ASP A 22 -21.55 -44.81 -6.98
C ASP A 22 -20.04 -44.66 -7.24
N TYR A 23 -19.32 -45.79 -7.20
CA TYR A 23 -17.91 -45.83 -7.57
C TYR A 23 -17.81 -46.16 -9.06
N HIS A 24 -16.95 -45.44 -9.77
CA HIS A 24 -16.86 -45.60 -11.22
C HIS A 24 -15.43 -45.74 -11.68
N GLN A 25 -15.29 -46.35 -12.86
CA GLN A 25 -14.01 -46.53 -13.53
C GLN A 25 -14.12 -45.99 -14.95
N ASP A 26 -13.07 -45.32 -15.41
CA ASP A 26 -13.02 -44.78 -16.76
C ASP A 26 -12.50 -45.86 -17.70
N LEU A 27 -13.22 -46.09 -18.80
CA LEU A 27 -12.83 -47.12 -19.74
C LEU A 27 -11.53 -46.82 -20.46
N TYR A 28 -11.07 -45.56 -20.44
CA TYR A 28 -9.80 -45.20 -21.07
C TYR A 28 -8.59 -45.33 -20.14
N ASP A 29 -8.77 -45.88 -18.93
CA ASP A 29 -7.63 -46.29 -18.13
C ASP A 29 -7.19 -47.68 -18.57
N ASP A 30 -5.94 -48.02 -18.24
CA ASP A 30 -5.31 -49.19 -18.84
C ASP A 30 -6.09 -50.47 -18.58
N PHE A 31 -6.67 -50.62 -17.39
CA PHE A 31 -7.48 -51.81 -17.11
C PHE A 31 -8.33 -51.52 -15.88
N GLU A 32 -9.29 -52.40 -15.64
CA GLU A 32 -10.29 -52.20 -14.59
C GLU A 32 -9.93 -52.94 -13.31
N TRP A 33 -10.20 -52.30 -12.17
CA TRP A 33 -10.33 -53.05 -10.93
C TRP A 33 -11.41 -54.10 -11.09
N VAL A 34 -11.22 -55.26 -10.45
CA VAL A 34 -12.14 -56.39 -10.58
C VAL A 34 -12.86 -56.57 -9.25
N HIS A 35 -14.18 -56.80 -9.33
CA HIS A 35 -14.97 -57.05 -8.13
C HIS A 35 -14.87 -58.52 -7.73
N VAL A 36 -14.45 -58.76 -6.48
CA VAL A 36 -14.49 -60.07 -5.85
C VAL A 36 -15.71 -60.11 -4.95
N SER A 37 -16.48 -61.19 -5.01
CA SER A 37 -17.72 -61.25 -4.25
C SER A 37 -17.99 -62.61 -3.64
N ALA A 38 -18.64 -62.60 -2.48
CA ALA A 38 -19.39 -63.77 -2.05
C ALA A 38 -20.53 -64.00 -3.03
N GLN A 39 -21.09 -65.21 -3.00
CA GLN A 39 -22.01 -65.68 -4.05
C GLN A 39 -21.32 -65.63 -5.42
N GLU A 40 -20.06 -66.03 -5.44
CA GLU A 40 -19.25 -66.17 -6.64
C GLU A 40 -18.22 -67.27 -6.35
N PRO A 41 -17.80 -68.01 -7.38
CA PRO A 41 -16.78 -69.04 -7.14
C PRO A 41 -15.45 -68.45 -6.68
N HIS A 42 -14.87 -69.07 -5.65
CA HIS A 42 -13.60 -68.67 -5.05
C HIS A 42 -12.44 -69.16 -5.91
N TYR A 43 -12.03 -68.34 -6.89
CA TYR A 43 -10.91 -68.69 -7.76
C TYR A 43 -9.56 -68.20 -7.25
N LEU A 44 -9.54 -67.23 -6.34
CA LEU A 44 -8.30 -66.66 -5.81
C LEU A 44 -7.55 -67.66 -4.94
N PRO A 45 -6.27 -67.39 -4.65
CA PRO A 45 -5.54 -68.20 -3.66
C PRO A 45 -6.28 -68.22 -2.32
N PRO A 46 -6.30 -69.37 -1.64
CA PRO A 46 -7.08 -69.46 -0.39
C PRO A 46 -6.59 -68.56 0.73
N GLU A 47 -5.34 -68.10 0.69
CA GLU A 47 -4.86 -67.17 1.72
C GLU A 47 -5.56 -65.81 1.63
N MET A 48 -6.01 -65.43 0.44
CA MET A 48 -6.68 -64.15 0.24
C MET A 48 -7.96 -64.08 1.06
N PRO A 49 -8.33 -62.91 1.55
CA PRO A 49 -9.52 -62.80 2.41
C PRO A 49 -10.80 -63.20 1.69
N GLN A 50 -11.76 -63.69 2.46
CA GLN A 50 -13.10 -64.00 2.01
C GLN A 50 -13.97 -62.75 2.06
N GLY A 51 -15.09 -62.80 1.37
CA GLY A 51 -16.00 -61.68 1.33
C GLY A 51 -16.09 -61.05 -0.04
N SER A 52 -16.51 -59.78 -0.07
CA SER A 52 -16.62 -59.02 -1.30
C SER A 52 -15.75 -57.77 -1.23
N TYR A 53 -14.91 -57.57 -2.23
CA TYR A 53 -13.98 -56.45 -2.26
C TYR A 53 -13.46 -56.27 -3.69
N MET A 54 -12.50 -55.36 -3.87
CA MET A 54 -11.96 -55.01 -5.17
C MET A 54 -10.50 -55.44 -5.25
N ILE A 55 -10.08 -55.86 -6.45
CA ILE A 55 -8.77 -56.47 -6.63
C ILE A 55 -8.16 -56.03 -7.97
N VAL A 56 -6.82 -56.06 -8.00
CA VAL A 56 -6.04 -55.88 -9.22
C VAL A 56 -5.02 -57.00 -9.28
N ASP A 57 -4.92 -57.67 -10.43
CA ASP A 57 -4.00 -58.78 -10.64
C ASP A 57 -2.89 -58.36 -11.59
N SER A 58 -1.65 -58.35 -11.07
CA SER A 58 -0.49 -57.97 -11.88
C SER A 58 -0.17 -58.97 -12.97
N SER A 59 -0.72 -60.18 -12.89
CA SER A 59 -0.35 -61.23 -13.84
C SER A 59 -0.83 -60.94 -15.24
N ASP A 60 -1.98 -60.28 -15.38
CA ASP A 60 -2.59 -60.03 -16.67
C ASP A 60 -2.00 -58.82 -17.39
N HIS A 61 -0.97 -58.18 -16.86
CA HIS A 61 -0.64 -56.83 -17.31
C HIS A 61 0.87 -56.61 -17.33
N ASP A 62 1.26 -55.53 -18.04
CA ASP A 62 2.61 -55.05 -18.25
C ASP A 62 3.03 -54.08 -17.16
N PRO A 63 4.34 -53.88 -16.98
CA PRO A 63 4.81 -52.94 -15.93
C PRO A 63 4.28 -51.53 -16.16
N GLY A 64 3.84 -50.90 -15.07
CA GLY A 64 3.39 -49.52 -15.07
C GLY A 64 1.96 -49.29 -15.52
N GLU A 65 1.24 -50.33 -15.97
CA GLU A 65 -0.18 -50.18 -16.26
C GLU A 65 -0.95 -49.82 -14.99
N LYS A 66 -1.88 -48.88 -15.13
CA LYS A 66 -2.60 -48.31 -14.00
C LYS A 66 -4.08 -48.59 -14.10
N ALA A 67 -4.68 -49.00 -12.97
CA ALA A 67 -6.12 -49.10 -12.83
C ALA A 67 -6.58 -48.10 -11.78
N ARG A 68 -7.68 -47.42 -12.07
CA ARG A 68 -8.16 -46.35 -11.19
C ARG A 68 -9.64 -46.52 -10.90
N LEU A 69 -9.98 -46.53 -9.60
CA LEU A 69 -11.35 -46.58 -9.11
C LEU A 69 -11.68 -45.24 -8.46
N GLN A 70 -12.74 -44.58 -8.93
CA GLN A 70 -13.03 -43.20 -8.60
C GLN A 70 -14.25 -43.14 -7.68
N LEU A 71 -14.07 -42.56 -6.50
CA LEU A 71 -15.15 -42.40 -5.53
C LEU A 71 -16.07 -41.25 -5.91
N PRO A 72 -17.30 -41.24 -5.41
CA PRO A 72 -18.19 -40.11 -5.68
C PRO A 72 -17.67 -38.81 -5.08
N THR A 73 -18.20 -37.71 -5.60
CA THR A 73 -17.77 -36.39 -5.18
C THR A 73 -18.21 -36.12 -3.75
N MET A 74 -17.32 -35.52 -2.96
CA MET A 74 -17.56 -35.25 -1.54
C MET A 74 -17.56 -33.73 -1.32
N LYS A 75 -18.66 -33.22 -0.76
CA LYS A 75 -18.88 -31.79 -0.67
C LYS A 75 -19.46 -31.45 0.72
N GLU A 76 -18.68 -31.74 1.76
CA GLU A 76 -19.16 -31.66 3.13
C GLU A 76 -18.75 -30.34 3.78
N ASN A 77 -19.48 -29.95 4.82
CA ASN A 77 -19.11 -28.81 5.67
C ASN A 77 -18.34 -29.18 6.93
N ASP A 78 -18.68 -30.29 7.59
CA ASP A 78 -18.03 -30.64 8.84
C ASP A 78 -16.82 -31.55 8.62
N THR A 79 -15.82 -31.39 9.49
CA THR A 79 -14.62 -32.23 9.45
C THR A 79 -14.98 -33.71 9.47
N HIS A 80 -14.26 -34.47 8.66
CA HIS A 80 -14.53 -35.90 8.49
C HIS A 80 -13.26 -36.59 7.98
N CYS A 81 -13.30 -37.92 7.95
CA CYS A 81 -12.17 -38.72 7.50
C CYS A 81 -12.68 -39.96 6.77
N ILE A 82 -11.78 -40.57 6.01
CA ILE A 82 -12.07 -41.76 5.21
C ILE A 82 -11.14 -42.89 5.63
N ASP A 83 -11.72 -43.99 6.09
CA ASP A 83 -10.98 -45.21 6.40
C ASP A 83 -11.12 -46.22 5.26
N PHE A 84 -10.05 -46.95 5.00
CA PHE A 84 -10.07 -48.00 3.99
C PHE A 84 -9.11 -49.12 4.40
N SER A 85 -9.38 -50.31 3.88
CA SER A 85 -8.51 -51.47 4.06
C SER A 85 -7.80 -51.78 2.75
N TYR A 86 -6.54 -52.23 2.85
CA TYR A 86 -5.74 -52.55 1.68
C TYR A 86 -4.82 -53.72 2.00
N LEU A 87 -4.34 -54.38 0.94
CA LEU A 87 -3.26 -55.35 1.05
C LEU A 87 -2.59 -55.53 -0.31
N LEU A 88 -1.33 -55.96 -0.27
CA LEU A 88 -0.60 -56.38 -1.46
C LEU A 88 -0.02 -57.76 -1.20
N TYR A 89 -0.43 -58.75 -2.00
CA TYR A 89 -0.12 -60.14 -1.71
C TYR A 89 0.44 -60.86 -2.93
N SER A 90 1.40 -61.75 -2.68
CA SER A 90 1.92 -62.68 -3.68
C SER A 90 2.21 -64.01 -3.00
N GLN A 91 1.88 -65.12 -3.68
CA GLN A 91 2.15 -66.43 -3.12
C GLN A 91 3.63 -66.64 -2.80
N LYS A 92 4.52 -66.07 -3.61
CA LYS A 92 5.96 -66.23 -3.42
C LYS A 92 6.64 -64.93 -2.98
N GLY A 93 5.89 -63.99 -2.43
CA GLY A 93 6.46 -62.80 -1.82
C GLY A 93 6.88 -61.68 -2.76
N LEU A 94 6.45 -61.69 -4.01
CA LEU A 94 6.85 -60.64 -4.94
C LEU A 94 6.11 -59.34 -4.65
N ASN A 95 6.68 -58.23 -5.13
CA ASN A 95 6.06 -56.92 -5.07
C ASN A 95 5.03 -56.77 -6.19
N PRO A 96 3.74 -56.69 -5.86
CA PRO A 96 2.73 -56.56 -6.92
C PRO A 96 2.70 -55.19 -7.56
N GLY A 97 3.19 -54.16 -6.89
CA GLY A 97 3.13 -52.82 -7.44
C GLY A 97 2.97 -51.79 -6.34
N THR A 98 2.30 -50.69 -6.69
CA THR A 98 2.04 -49.58 -5.78
C THR A 98 0.55 -49.29 -5.75
N LEU A 99 0.02 -49.06 -4.55
CA LEU A 99 -1.32 -48.52 -4.38
C LEU A 99 -1.19 -47.02 -4.11
N ASN A 100 -1.62 -46.21 -5.06
CA ASN A 100 -1.58 -44.76 -4.93
C ASN A 100 -2.99 -44.26 -4.65
N ILE A 101 -3.08 -43.22 -3.82
CA ILE A 101 -4.35 -42.55 -3.54
C ILE A 101 -4.22 -41.09 -3.94
N LEU A 102 -5.12 -40.64 -4.82
CA LEU A 102 -5.13 -39.28 -5.31
C LEU A 102 -6.39 -38.58 -4.85
N VAL A 103 -6.28 -37.30 -4.52
CA VAL A 103 -7.41 -36.49 -4.06
C VAL A 103 -7.57 -35.36 -5.07
N ARG A 104 -8.56 -35.48 -5.94
CA ARG A 104 -8.81 -34.53 -7.02
C ARG A 104 -9.81 -33.47 -6.53
N VAL A 105 -9.42 -32.20 -6.56
CA VAL A 105 -10.24 -31.11 -6.05
C VAL A 105 -10.89 -30.38 -7.21
N ASN A 106 -12.20 -30.15 -7.07
CA ASN A 106 -12.99 -29.35 -8.01
C ASN A 106 -12.82 -29.83 -9.45
N LYS A 107 -12.87 -31.15 -9.62
CA LYS A 107 -12.79 -31.80 -10.94
C LYS A 107 -11.59 -31.30 -11.75
N GLY A 108 -10.56 -30.80 -11.06
CA GLY A 108 -9.39 -30.27 -11.72
C GLY A 108 -8.26 -31.28 -11.82
N PRO A 109 -7.02 -30.78 -11.88
CA PRO A 109 -5.87 -31.68 -11.95
C PRO A 109 -5.80 -32.62 -10.75
N LEU A 110 -5.37 -33.86 -11.02
CA LEU A 110 -5.35 -34.89 -9.99
C LEU A 110 -4.27 -34.65 -8.96
N ALA A 111 -3.16 -34.02 -9.34
CA ALA A 111 -1.97 -33.87 -8.51
C ALA A 111 -1.35 -35.22 -8.18
N ASN A 112 -0.21 -35.20 -7.49
CA ASN A 112 0.50 -36.42 -7.15
C ASN A 112 -0.19 -37.15 -6.00
N PRO A 113 0.14 -38.43 -5.79
CA PRO A 113 -0.50 -39.18 -4.69
C PRO A 113 -0.27 -38.53 -3.34
N ILE A 114 -1.29 -38.60 -2.49
CA ILE A 114 -1.18 -38.12 -1.10
C ILE A 114 -1.01 -39.27 -0.11
N TRP A 115 -1.11 -40.52 -0.55
CA TRP A 115 -0.79 -41.68 0.27
C TRP A 115 -0.47 -42.83 -0.66
N ASN A 116 0.67 -43.50 -0.45
CA ASN A 116 0.95 -44.71 -1.21
C ASN A 116 1.69 -45.73 -0.36
N VAL A 117 1.49 -47.00 -0.73
CA VAL A 117 2.23 -48.14 -0.19
C VAL A 117 2.75 -48.95 -1.38
N THR A 118 3.98 -49.43 -1.27
CA THR A 118 4.58 -50.25 -2.31
C THR A 118 5.14 -51.52 -1.68
N GLY A 119 4.97 -52.64 -2.37
CA GLY A 119 5.55 -53.90 -1.95
C GLY A 119 4.57 -54.80 -1.23
N PHE A 120 5.00 -56.05 -1.08
CA PHE A 120 4.25 -57.09 -0.38
C PHE A 120 3.93 -56.67 1.06
N THR A 121 2.67 -56.83 1.45
CA THR A 121 2.25 -56.57 2.83
C THR A 121 1.84 -57.84 3.58
N GLY A 122 1.19 -58.79 2.91
CA GLY A 122 0.70 -59.99 3.55
C GLY A 122 -0.70 -60.33 3.07
N ARG A 123 -1.29 -61.33 3.74
CA ARG A 123 -2.63 -61.80 3.42
C ARG A 123 -3.72 -61.17 4.29
N ASP A 124 -3.35 -60.42 5.33
CA ASP A 124 -4.33 -59.75 6.18
C ASP A 124 -4.57 -58.33 5.69
N TRP A 125 -5.77 -57.81 5.98
CA TRP A 125 -6.07 -56.42 5.69
C TRP A 125 -5.27 -55.48 6.58
N LEU A 126 -4.77 -54.40 5.99
CA LEU A 126 -4.21 -53.28 6.73
C LEU A 126 -5.16 -52.09 6.62
N ARG A 127 -5.20 -51.27 7.66
CA ARG A 127 -6.15 -50.17 7.76
C ARG A 127 -5.42 -48.83 7.70
N ALA A 128 -6.00 -47.88 6.96
CA ALA A 128 -5.45 -46.54 6.84
C ALA A 128 -6.56 -45.51 6.76
N GLU A 129 -6.19 -44.26 7.04
CA GLU A 129 -7.14 -43.17 7.19
C GLU A 129 -6.71 -41.95 6.39
N LEU A 130 -7.67 -41.31 5.72
CA LEU A 130 -7.43 -40.07 5.00
C LEU A 130 -8.22 -38.94 5.65
N ALA A 131 -7.57 -37.80 5.85
CA ALA A 131 -8.22 -36.59 6.36
C ALA A 131 -7.92 -35.44 5.41
N VAL A 132 -8.94 -35.01 4.67
CA VAL A 132 -8.82 -33.99 3.63
C VAL A 132 -9.60 -32.75 4.05
N SER A 133 -8.88 -31.64 4.22
CA SER A 133 -9.48 -30.35 4.59
C SER A 133 -10.02 -29.61 3.37
N THR A 134 -10.89 -30.30 2.64
CA THR A 134 -11.62 -29.73 1.51
C THR A 134 -13.10 -29.73 1.84
N PHE A 135 -13.72 -28.54 1.84
CA PHE A 135 -15.07 -28.37 2.33
C PHE A 135 -15.89 -27.52 1.38
N TRP A 136 -17.21 -27.64 1.52
CA TRP A 136 -18.16 -26.86 0.75
C TRP A 136 -17.81 -25.37 0.82
N PRO A 137 -17.92 -24.62 -0.28
CA PRO A 137 -18.48 -25.00 -1.59
C PRO A 137 -17.50 -25.77 -2.47
N ASN A 138 -16.33 -26.12 -1.97
CA ASN A 138 -15.37 -26.91 -2.74
C ASN A 138 -15.65 -28.40 -2.56
N GLU A 139 -15.18 -29.18 -3.52
CA GLU A 139 -15.49 -30.61 -3.58
C GLU A 139 -14.24 -31.39 -3.96
N TYR A 140 -14.25 -32.69 -3.66
CA TYR A 140 -13.12 -33.52 -4.05
C TYR A 140 -13.56 -34.96 -4.32
N GLN A 141 -12.76 -35.64 -5.14
CA GLN A 141 -12.86 -37.07 -5.39
C GLN A 141 -11.62 -37.77 -4.86
N VAL A 142 -11.82 -38.90 -4.18
CA VAL A 142 -10.73 -39.82 -3.89
C VAL A 142 -10.63 -40.84 -5.02
N ILE A 143 -9.41 -41.09 -5.48
CA ILE A 143 -9.16 -42.08 -6.52
C ILE A 143 -8.18 -43.11 -5.97
N PHE A 144 -8.55 -44.38 -6.02
CA PHE A 144 -7.64 -45.47 -5.69
C PHE A 144 -6.95 -45.92 -6.96
N GLU A 145 -5.65 -45.72 -7.04
CA GLU A 145 -4.85 -46.04 -8.21
C GLU A 145 -3.92 -47.20 -7.89
N ALA A 146 -3.98 -48.25 -8.70
CA ALA A 146 -3.05 -49.37 -8.61
C ALA A 146 -2.10 -49.30 -9.79
N GLU A 147 -0.82 -49.19 -9.51
CA GLU A 147 0.21 -49.22 -10.54
C GLU A 147 0.92 -50.56 -10.45
N VAL A 148 0.78 -51.35 -11.51
CA VAL A 148 1.17 -52.75 -11.51
C VAL A 148 2.65 -52.89 -11.83
N SER A 149 3.32 -53.79 -11.10
CA SER A 149 4.74 -54.02 -11.31
C SER A 149 4.98 -54.90 -12.53
N GLY A 150 4.00 -55.71 -12.92
CA GLY A 150 4.16 -56.64 -14.01
C GLY A 150 4.65 -57.99 -13.54
N GLY A 151 4.72 -58.92 -14.49
CA GLY A 151 5.46 -60.15 -14.25
C GLY A 151 4.77 -61.17 -13.38
N ARG A 152 3.44 -61.17 -13.34
CA ARG A 152 2.65 -62.11 -12.53
C ARG A 152 3.09 -62.05 -11.07
N SER A 153 3.12 -60.82 -10.55
CA SER A 153 3.67 -60.53 -9.23
C SER A 153 2.60 -60.39 -8.14
N GLY A 154 1.43 -60.98 -8.31
CA GLY A 154 0.46 -60.93 -7.24
C GLY A 154 -0.59 -59.86 -7.38
N TYR A 155 -1.25 -59.57 -6.27
CA TYR A 155 -2.52 -58.85 -6.24
C TYR A 155 -2.42 -57.61 -5.36
N ILE A 156 -3.16 -56.57 -5.77
CA ILE A 156 -3.44 -55.39 -4.97
C ILE A 156 -4.94 -55.37 -4.71
N ALA A 157 -5.34 -55.17 -3.46
CA ALA A 157 -6.74 -55.26 -3.09
C ALA A 157 -7.12 -54.18 -2.08
N ILE A 158 -8.37 -53.73 -2.13
CA ILE A 158 -8.92 -52.78 -1.19
C ILE A 158 -10.34 -53.18 -0.80
N ASP A 159 -10.74 -52.84 0.43
CA ASP A 159 -12.05 -53.19 0.95
C ASP A 159 -12.46 -52.19 2.01
N ASP A 160 -13.77 -52.17 2.30
CA ASP A 160 -14.32 -51.59 3.53
C ASP A 160 -14.00 -50.09 3.64
N ILE A 161 -14.46 -49.33 2.65
CA ILE A 161 -14.33 -47.87 2.67
C ILE A 161 -15.41 -47.29 3.57
N GLN A 162 -15.02 -46.39 4.48
CA GLN A 162 -15.97 -45.77 5.40
C GLN A 162 -15.65 -44.29 5.57
N VAL A 163 -16.69 -43.45 5.47
CA VAL A 163 -16.59 -42.03 5.73
C VAL A 163 -17.09 -41.77 7.15
N LEU A 164 -16.22 -41.22 7.99
CA LEU A 164 -16.48 -41.13 9.42
C LEU A 164 -16.37 -39.69 9.92
N SER A 165 -17.19 -39.36 10.91
CA SER A 165 -17.11 -38.08 11.61
C SER A 165 -16.34 -38.17 12.92
N TYR A 166 -16.25 -39.34 13.53
CA TYR A 166 -15.46 -39.52 14.74
C TYR A 166 -14.95 -40.96 14.76
N PRO A 167 -13.82 -41.23 15.41
CA PRO A 167 -12.93 -40.31 16.10
C PRO A 167 -12.03 -39.53 15.14
N CYS A 168 -11.68 -40.14 14.01
CA CYS A 168 -10.75 -39.56 13.04
C CYS A 168 -9.46 -39.09 13.74
N ASP A 169 -8.78 -40.07 14.35
CA ASP A 169 -7.57 -39.79 15.12
C ASP A 169 -6.38 -40.60 14.66
N LYS A 170 -6.48 -41.30 13.52
CA LYS A 170 -5.38 -42.09 13.01
C LYS A 170 -4.44 -41.29 12.12
N SER A 171 -4.89 -40.14 11.62
CA SER A 171 -4.12 -39.27 10.74
C SER A 171 -4.00 -37.86 11.34
N PRO A 172 -2.95 -37.13 10.99
CA PRO A 172 -2.87 -35.72 11.40
C PRO A 172 -3.85 -34.87 10.62
N HIS A 173 -4.24 -33.74 11.23
CA HIS A 173 -5.21 -32.83 10.64
C HIS A 173 -4.59 -31.46 10.44
N PHE A 174 -4.69 -30.93 9.22
CA PHE A 174 -4.22 -29.58 8.91
C PHE A 174 -5.31 -28.54 9.17
N LEU A 175 -4.92 -27.46 9.84
CA LEU A 175 -5.74 -26.27 9.93
C LEU A 175 -5.86 -25.61 8.55
N ARG A 176 -6.68 -24.57 8.47
CA ARG A 176 -6.85 -23.85 7.21
C ARG A 176 -5.55 -23.20 6.78
N LEU A 177 -5.15 -23.47 5.53
CA LEU A 177 -4.00 -22.82 4.90
C LEU A 177 -4.43 -21.55 4.17
N GLY A 178 -3.81 -20.42 4.51
CA GLY A 178 -4.17 -19.16 3.91
C GLY A 178 -3.55 -18.92 2.54
N ASP A 179 -4.29 -18.20 1.70
CA ASP A 179 -3.76 -17.73 0.41
C ASP A 179 -2.61 -16.75 0.61
N VAL A 180 -1.74 -16.68 -0.40
CA VAL A 180 -0.56 -15.82 -0.36
C VAL A 180 -0.57 -14.94 -1.61
N GLU A 181 -0.29 -13.65 -1.42
CA GLU A 181 -0.14 -12.70 -2.51
C GLU A 181 1.17 -11.94 -2.33
N VAL A 182 2.01 -11.94 -3.38
CA VAL A 182 3.25 -11.18 -3.38
C VAL A 182 3.45 -10.52 -4.74
N ASN A 183 4.28 -9.48 -4.75
CA ASN A 183 4.78 -8.91 -5.99
C ASN A 183 5.90 -9.77 -6.55
N ALA A 184 6.02 -9.77 -7.88
CA ALA A 184 7.01 -10.60 -8.55
C ALA A 184 8.41 -10.31 -8.03
N GLY A 185 9.24 -11.36 -7.99
CA GLY A 185 10.58 -11.27 -7.48
C GLY A 185 10.71 -11.31 -5.98
N GLN A 186 9.60 -11.20 -5.25
CA GLN A 186 9.63 -11.30 -3.80
C GLN A 186 9.49 -12.74 -3.34
N ASN A 187 10.01 -13.02 -2.15
CA ASN A 187 9.95 -14.35 -1.57
C ASN A 187 8.59 -14.61 -0.93
N ALA A 188 8.05 -15.79 -1.15
CA ALA A 188 6.76 -16.20 -0.60
C ALA A 188 6.94 -17.38 0.36
N THR A 189 6.04 -17.48 1.34
CA THR A 189 6.11 -18.54 2.32
C THR A 189 4.73 -19.09 2.63
N PHE A 190 4.58 -20.41 2.58
CA PHE A 190 3.40 -21.10 3.06
C PHE A 190 3.69 -21.70 4.43
N GLN A 191 2.77 -21.49 5.39
CA GLN A 191 2.93 -21.99 6.75
C GLN A 191 1.76 -22.92 7.07
N CYS A 192 2.08 -24.17 7.42
CA CYS A 192 1.06 -25.17 7.70
C CYS A 192 1.09 -25.59 9.17
N ILE A 193 -0.09 -25.70 9.76
CA ILE A 193 -0.27 -26.12 11.15
C ILE A 193 -1.07 -27.42 11.15
N ALA A 194 -0.56 -28.42 11.87
CA ALA A 194 -1.21 -29.72 11.92
C ALA A 194 -1.33 -30.21 13.35
N THR A 195 -2.47 -30.82 13.68
CA THR A 195 -2.64 -31.55 14.93
C THR A 195 -2.19 -32.99 14.75
N GLY A 196 -1.58 -33.54 15.79
CA GLY A 196 -1.20 -34.95 15.78
C GLY A 196 0.25 -35.25 16.13
N ASN A 202 4.89 -38.85 9.57
CA ASN A 202 6.33 -38.63 9.48
C ASN A 202 6.68 -37.68 8.32
N LYS A 203 6.48 -38.16 7.10
CA LYS A 203 6.85 -37.42 5.90
C LYS A 203 5.87 -36.27 5.65
N LEU A 204 6.42 -35.12 5.22
CA LEU A 204 5.66 -33.87 5.15
C LEU A 204 6.17 -33.01 3.99
N TRP A 205 5.27 -32.51 3.15
CA TRP A 205 5.66 -31.70 2.01
C TRP A 205 4.51 -30.80 1.57
N LEU A 206 4.84 -29.82 0.73
CA LEU A 206 3.86 -28.94 0.10
C LEU A 206 3.67 -29.34 -1.36
N GLN A 207 2.42 -29.63 -1.73
CA GLN A 207 2.10 -30.16 -3.04
C GLN A 207 1.54 -29.07 -3.94
N ARG A 208 2.15 -28.90 -5.11
CA ARG A 208 1.63 -27.98 -6.12
C ARG A 208 0.62 -28.69 -7.01
N ARG A 209 -0.46 -27.98 -7.35
CA ARG A 209 -1.57 -28.57 -8.07
C ARG A 209 -1.11 -29.24 -9.37
N ASN A 210 -0.38 -28.51 -10.21
CA ASN A 210 0.28 -29.09 -11.39
C ASN A 210 1.73 -28.63 -11.45
N GLY A 211 2.61 -29.32 -10.74
CA GLY A 211 4.00 -28.91 -10.69
C GLY A 211 4.77 -29.77 -9.71
N GLU A 212 5.98 -29.33 -9.41
CA GLU A 212 6.83 -30.08 -8.50
C GLU A 212 6.39 -29.90 -7.07
N ASP A 213 6.72 -30.89 -6.23
CA ASP A 213 6.43 -30.82 -4.81
C ASP A 213 7.59 -30.15 -4.08
N ILE A 214 7.26 -29.30 -3.13
CA ILE A 214 8.23 -28.39 -2.51
C ILE A 214 8.65 -28.97 -1.17
N PRO A 215 9.95 -29.09 -0.89
CA PRO A 215 10.40 -29.64 0.40
C PRO A 215 10.33 -28.64 1.55
N VAL A 216 10.33 -29.21 2.75
CA VAL A 216 10.27 -28.41 3.97
C VAL A 216 11.48 -27.50 4.09
N ALA A 217 11.24 -26.25 4.47
CA ALA A 217 12.28 -25.32 4.89
C ALA A 217 12.50 -25.30 6.39
N GLN A 218 11.42 -25.31 7.18
CA GLN A 218 11.49 -25.14 8.62
C GLN A 218 10.36 -25.93 9.28
N THR A 219 10.60 -26.36 10.52
CA THR A 219 9.60 -27.06 11.32
C THR A 219 9.69 -26.61 12.76
N LYS A 220 8.53 -26.47 13.41
CA LYS A 220 8.50 -26.13 14.82
C LYS A 220 7.46 -27.02 15.50
N ASN A 221 7.72 -27.39 16.75
CA ASN A 221 6.74 -28.09 17.56
C ASN A 221 6.20 -27.01 18.49
N ILE A 222 5.01 -26.52 18.16
CA ILE A 222 4.50 -25.31 18.82
C ILE A 222 3.65 -25.62 20.03
N ASN A 223 3.24 -26.87 20.21
CA ASN A 223 2.37 -27.23 21.32
C ASN A 223 2.43 -28.74 21.45
N HIS A 224 1.86 -29.25 22.54
CA HIS A 224 1.83 -30.70 22.73
C HIS A 224 1.03 -31.39 21.63
N ARG A 225 -0.03 -30.75 21.17
CA ARG A 225 -0.95 -31.33 20.20
C ARG A 225 -0.70 -30.85 18.77
N ARG A 226 0.04 -29.74 18.58
CA ARG A 226 0.09 -29.01 17.32
C ARG A 226 1.52 -28.73 16.92
N PHE A 227 1.85 -28.87 15.63
CA PHE A 227 3.17 -28.49 15.14
C PHE A 227 3.03 -27.70 13.85
N ALA A 228 4.14 -27.05 13.44
CA ALA A 228 4.15 -26.15 12.29
C ALA A 228 5.30 -26.48 11.36
N ALA A 229 5.07 -26.24 10.07
CA ALA A 229 6.09 -26.43 9.03
C ALA A 229 5.96 -25.32 7.99
N SER A 230 7.11 -24.88 7.46
CA SER A 230 7.17 -23.73 6.58
C SER A 230 7.79 -24.10 5.25
N PHE A 231 7.24 -23.55 4.16
CA PHE A 231 7.73 -23.80 2.82
C PHE A 231 8.00 -22.46 2.16
N ARG A 232 9.24 -22.28 1.71
CA ARG A 232 9.74 -21.01 1.21
C ARG A 232 9.90 -21.09 -0.31
N LEU A 233 9.27 -20.17 -1.02
CA LEU A 233 9.46 -20.02 -2.47
C LEU A 233 10.20 -18.72 -2.72
N GLN A 234 11.40 -18.81 -3.29
CA GLN A 234 12.26 -17.65 -3.45
C GLN A 234 12.07 -16.99 -4.81
N GLU A 235 12.11 -15.65 -4.81
CA GLU A 235 12.05 -14.82 -6.00
C GLU A 235 10.98 -15.32 -6.96
N VAL A 236 9.75 -15.35 -6.44
CA VAL A 236 8.61 -15.92 -7.14
C VAL A 236 8.33 -15.20 -8.47
N THR A 237 7.77 -15.93 -9.43
CA THR A 237 7.55 -15.47 -10.78
C THR A 237 6.10 -15.79 -11.16
N LYS A 238 5.57 -15.03 -12.13
CA LYS A 238 4.17 -15.17 -12.53
C LYS A 238 3.80 -16.59 -12.93
N THR A 239 4.78 -17.39 -13.37
CA THR A 239 4.52 -18.80 -13.68
C THR A 239 4.33 -19.66 -12.43
N ASP A 240 4.75 -19.17 -11.26
CA ASP A 240 4.57 -19.95 -10.04
C ASP A 240 3.17 -19.84 -9.48
N GLN A 241 2.33 -18.98 -10.08
CA GLN A 241 0.95 -18.77 -9.68
C GLN A 241 0.14 -20.07 -9.85
N ASP A 242 -0.19 -20.71 -8.74
CA ASP A 242 -0.90 -21.98 -8.74
C ASP A 242 -1.49 -22.21 -7.36
N LEU A 243 -2.28 -23.28 -7.23
CA LEU A 243 -2.76 -23.74 -5.94
C LEU A 243 -1.73 -24.68 -5.30
N TYR A 244 -1.56 -24.53 -3.98
CA TYR A 244 -0.64 -25.35 -3.22
C TYR A 244 -1.35 -25.87 -1.97
N ARG A 245 -1.05 -27.11 -1.58
CA ARG A 245 -1.62 -27.70 -0.37
C ARG A 245 -0.57 -28.53 0.35
N CYS A 246 -0.68 -28.55 1.68
CA CYS A 246 0.19 -29.38 2.49
C CYS A 246 -0.30 -30.83 2.58
N VAL A 247 0.64 -31.75 2.56
CA VAL A 247 0.38 -33.18 2.70
C VAL A 247 1.35 -33.76 3.71
N THR A 248 0.85 -34.62 4.59
CA THR A 248 1.70 -35.41 5.48
C THR A 248 1.25 -36.86 5.44
N GLN A 249 2.21 -37.78 5.51
CA GLN A 249 1.91 -39.19 5.33
C GLN A 249 2.60 -40.03 6.38
N SER A 250 1.86 -41.03 6.88
CA SER A 250 2.40 -42.07 7.74
C SER A 250 1.79 -43.39 7.28
N GLU A 251 2.29 -44.49 7.82
CA GLU A 251 1.71 -45.79 7.48
C GLU A 251 0.28 -45.92 8.00
N ARG A 252 -0.10 -45.15 9.03
CA ARG A 252 -1.47 -45.16 9.52
C ARG A 252 -2.42 -44.35 8.65
N GLY A 253 -1.91 -43.48 7.79
CA GLY A 253 -2.75 -42.66 6.97
C GLY A 253 -2.08 -41.35 6.62
N SER A 254 -2.86 -40.46 5.98
CA SER A 254 -2.37 -39.18 5.52
C SER A 254 -3.33 -38.06 5.89
N GLY A 255 -2.78 -36.87 6.06
CA GLY A 255 -3.56 -35.65 6.18
C GLY A 255 -3.28 -34.71 5.03
N VAL A 256 -4.32 -34.06 4.52
CA VAL A 256 -4.23 -33.21 3.34
C VAL A 256 -4.96 -31.90 3.63
N SER A 257 -4.31 -30.78 3.32
CA SER A 257 -4.86 -29.47 3.61
C SER A 257 -5.70 -28.98 2.43
N ASN A 258 -6.13 -27.72 2.52
CA ASN A 258 -6.84 -27.06 1.43
C ASN A 258 -5.86 -26.50 0.41
N PHE A 259 -6.31 -26.44 -0.84
CA PHE A 259 -5.50 -25.85 -1.91
C PHE A 259 -5.54 -24.33 -1.74
N ALA A 260 -4.50 -23.78 -1.12
CA ALA A 260 -4.37 -22.33 -1.03
C ALA A 260 -3.72 -21.81 -2.29
N GLN A 261 -4.05 -20.56 -2.63
CA GLN A 261 -3.59 -19.97 -3.88
C GLN A 261 -2.41 -19.03 -3.64
N LEU A 262 -1.41 -19.15 -4.52
CA LEU A 262 -0.36 -18.15 -4.65
C LEU A 262 -0.71 -17.21 -5.80
N ILE A 263 -0.84 -15.93 -5.48
CA ILE A 263 -1.08 -14.89 -6.47
C ILE A 263 0.19 -14.06 -6.59
N VAL A 264 0.65 -13.85 -7.82
CA VAL A 264 1.86 -13.09 -8.10
C VAL A 264 1.47 -11.85 -8.89
N ARG A 265 1.82 -10.68 -8.37
CA ARG A 265 1.44 -9.41 -8.97
C ARG A 265 2.64 -8.75 -9.64
N GLU A 266 2.38 -8.06 -10.75
CA GLU A 266 3.41 -7.34 -11.48
C GLU A 266 3.38 -5.86 -11.13
N PRO A 267 4.48 -5.29 -10.65
CA PRO A 267 4.53 -3.85 -10.36
C PRO A 267 4.23 -3.03 -11.61
N PRO A 268 3.43 -1.97 -11.46
CA PRO A 268 2.93 -1.23 -12.64
C PRO A 268 3.93 -0.25 -13.22
N ARG A 269 3.78 0.01 -14.52
CA ARG A 269 4.41 1.13 -15.19
C ARG A 269 3.54 1.55 -16.36
N PRO A 270 3.58 2.82 -16.76
CA PRO A 270 2.71 3.31 -17.83
C PRO A 270 3.12 2.83 -19.21
N ILE A 271 2.13 2.73 -20.10
CA ILE A 271 2.38 2.37 -21.49
C ILE A 271 2.87 3.57 -22.30
N ALA A 272 2.19 4.76 -22.11
CA ALA A 272 2.44 5.94 -22.92
C ALA A 272 3.29 6.97 -22.16
N PRO A 273 4.04 7.80 -22.88
CA PRO A 273 4.82 8.85 -22.23
C PRO A 273 3.95 10.05 -21.89
N PRO A 274 4.44 10.97 -21.05
CA PRO A 274 3.72 12.22 -20.81
C PRO A 274 3.65 13.09 -22.06
N GLN A 275 2.69 14.00 -22.05
CA GLN A 275 2.50 14.96 -23.14
C GLN A 275 2.49 16.38 -22.59
N LEU A 276 2.92 17.32 -23.43
CA LEU A 276 3.00 18.73 -23.07
C LEU A 276 1.70 19.43 -23.45
N LEU A 277 1.00 19.98 -22.46
CA LEU A 277 -0.21 20.74 -22.70
C LEU A 277 0.05 22.22 -22.93
N GLY A 278 1.07 22.77 -22.28
CA GLY A 278 1.39 24.17 -22.40
C GLY A 278 2.78 24.43 -21.88
N VAL A 279 3.38 25.52 -22.35
CA VAL A 279 4.77 25.81 -22.00
C VAL A 279 4.99 27.31 -22.11
N GLY A 280 5.82 27.83 -21.20
CA GLY A 280 6.29 29.19 -21.27
C GLY A 280 7.80 29.24 -21.14
N PRO A 281 8.36 30.44 -21.03
CA PRO A 281 9.81 30.54 -20.81
C PRO A 281 10.26 29.87 -19.52
N THR A 282 9.41 29.83 -18.49
CA THR A 282 9.82 29.30 -17.20
C THR A 282 8.88 28.25 -16.64
N TYR A 283 7.96 27.71 -17.43
CA TYR A 283 7.03 26.71 -16.90
C TYR A 283 6.71 25.65 -17.95
N LEU A 284 6.34 24.47 -17.46
CA LEU A 284 5.85 23.37 -18.27
C LEU A 284 4.56 22.85 -17.65
N LEU A 285 3.53 22.70 -18.48
CA LEU A 285 2.28 22.07 -18.06
C LEU A 285 2.16 20.74 -18.79
N ILE A 286 2.08 19.65 -18.02
CA ILE A 286 2.29 18.31 -18.53
C ILE A 286 1.10 17.43 -18.21
N GLN A 287 0.70 16.60 -19.18
CA GLN A 287 -0.29 15.55 -18.98
C GLN A 287 0.44 14.21 -18.81
N LEU A 288 0.13 13.49 -17.74
CA LEU A 288 0.93 12.33 -17.35
C LEU A 288 0.62 11.09 -18.19
N ASN A 289 -0.62 10.94 -18.64
CA ASN A 289 -1.04 9.78 -19.44
C ASN A 289 -0.85 8.45 -18.71
N ALA A 290 -0.85 8.48 -17.39
CA ALA A 290 -0.57 7.29 -16.60
C ALA A 290 -1.78 6.39 -16.41
N ASN A 291 -2.92 6.71 -17.02
CA ASN A 291 -4.12 5.89 -16.83
C ASN A 291 -4.04 4.53 -17.50
N SER A 292 -3.19 4.36 -18.51
CA SER A 292 -3.05 3.09 -19.22
C SER A 292 -1.70 2.48 -18.84
N ILE A 293 -1.73 1.26 -18.30
CA ILE A 293 -0.56 0.70 -17.63
C ILE A 293 -0.36 -0.77 -18.02
N ILE A 294 0.85 -1.25 -17.77
CA ILE A 294 1.13 -2.68 -17.70
C ILE A 294 1.38 -2.98 -16.23
N GLY A 295 0.96 -4.16 -15.80
CA GLY A 295 1.06 -4.53 -14.40
C GLY A 295 -0.29 -4.52 -13.73
N ASP A 296 -0.25 -4.60 -12.40
CA ASP A 296 -1.46 -4.77 -11.59
C ASP A 296 -1.70 -3.58 -10.68
N GLY A 297 -2.97 -3.17 -10.59
CA GLY A 297 -3.40 -2.26 -9.57
C GLY A 297 -3.44 -2.93 -8.20
N PRO A 298 -3.87 -2.18 -7.19
CA PRO A 298 -4.28 -0.77 -7.22
C PRO A 298 -3.08 0.17 -7.20
N ILE A 299 -3.21 1.36 -7.79
CA ILE A 299 -2.16 2.36 -7.71
C ILE A 299 -2.34 3.10 -6.40
N ILE A 300 -1.38 2.95 -5.49
CA ILE A 300 -1.44 3.64 -4.20
C ILE A 300 -0.58 4.90 -4.18
N LEU A 301 0.30 5.08 -5.16
CA LEU A 301 1.17 6.25 -5.18
C LEU A 301 1.64 6.48 -6.61
N LYS A 302 1.38 7.68 -7.14
CA LYS A 302 1.80 8.08 -8.47
C LYS A 302 2.79 9.22 -8.34
N GLU A 303 4.02 9.02 -8.83
CA GLU A 303 5.09 10.00 -8.68
C GLU A 303 5.58 10.48 -10.04
N VAL A 304 5.91 11.76 -10.11
CA VAL A 304 6.56 12.37 -11.26
C VAL A 304 8.00 12.69 -10.88
N GLU A 305 8.95 12.22 -11.69
CA GLU A 305 10.34 12.66 -11.59
C GLU A 305 10.68 13.46 -12.83
N TYR A 306 11.31 14.62 -12.65
CA TYR A 306 11.72 15.45 -13.77
C TYR A 306 13.16 15.93 -13.59
N ARG A 307 13.87 16.07 -14.71
CA ARG A 307 15.28 16.41 -14.69
C ARG A 307 15.62 17.33 -15.86
N MET A 308 16.58 18.22 -15.66
CA MET A 308 17.19 18.88 -16.80
C MET A 308 18.11 17.88 -17.52
N THR A 309 18.16 17.96 -18.86
CA THR A 309 18.93 16.96 -19.60
C THR A 309 20.41 17.05 -19.25
N SER A 310 20.90 18.27 -18.99
CA SER A 310 22.23 18.49 -18.41
C SER A 310 22.28 18.25 -16.90
N GLY A 311 21.14 18.02 -16.26
CA GLY A 311 21.10 18.01 -14.81
C GLY A 311 21.88 16.88 -14.15
N SER A 312 22.50 17.21 -13.02
CA SER A 312 23.13 16.24 -12.11
C SER A 312 22.14 15.60 -11.16
N TRP A 313 20.94 16.17 -11.02
CA TRP A 313 19.97 15.76 -10.02
C TRP A 313 18.57 15.69 -10.64
N THR A 314 17.70 14.94 -9.97
CA THR A 314 16.33 14.72 -10.41
C THR A 314 15.36 14.98 -9.25
N GLU A 315 14.24 15.62 -9.56
CA GLU A 315 13.25 16.03 -8.57
C GLU A 315 12.02 15.15 -8.69
N THR A 316 11.58 14.56 -7.58
CA THR A 316 10.51 13.56 -7.57
C THR A 316 9.37 14.04 -6.68
N HIS A 317 8.16 14.12 -7.24
CA HIS A 317 6.97 14.60 -6.55
C HIS A 317 5.84 13.60 -6.64
N ALA A 318 5.10 13.44 -5.54
CA ALA A 318 3.86 12.68 -5.55
C ALA A 318 2.73 13.51 -6.14
N VAL A 319 2.06 12.96 -7.16
CA VAL A 319 1.03 13.67 -7.90
C VAL A 319 -0.20 12.78 -8.02
N ASN A 320 -1.37 13.37 -7.77
CA ASN A 320 -2.66 12.67 -7.77
C ASN A 320 -3.64 13.39 -8.70
N ALA A 321 -3.17 13.75 -9.89
CA ALA A 321 -3.97 14.48 -10.86
C ALA A 321 -3.55 14.05 -12.25
N PRO A 322 -4.41 14.23 -13.25
CA PRO A 322 -3.99 13.91 -14.63
C PRO A 322 -2.90 14.83 -15.15
N THR A 323 -2.76 16.04 -14.59
CA THR A 323 -1.84 17.04 -15.09
C THR A 323 -1.03 17.62 -13.95
N TYR A 324 0.20 18.04 -14.27
CA TYR A 324 1.10 18.64 -13.30
C TYR A 324 1.82 19.81 -13.95
N LYS A 325 2.21 20.78 -13.14
CA LYS A 325 2.83 22.00 -13.64
C LYS A 325 4.13 22.26 -12.88
N LEU A 326 5.19 22.55 -13.63
CA LEU A 326 6.51 22.84 -13.08
C LEU A 326 6.86 24.28 -13.38
N TRP A 327 7.50 24.97 -12.42
CA TRP A 327 7.69 26.41 -12.57
C TRP A 327 9.04 26.84 -11.99
N HIS A 328 9.39 28.09 -12.30
CA HIS A 328 10.74 28.64 -12.10
C HIS A 328 11.78 27.78 -12.80
N LEU A 329 11.43 27.28 -13.98
CA LEU A 329 12.34 26.62 -14.89
C LEU A 329 13.19 27.64 -15.65
N ASP A 330 14.32 27.16 -16.17
CA ASP A 330 15.21 28.00 -16.97
C ASP A 330 14.71 28.07 -18.42
N PRO A 331 14.75 29.25 -19.04
CA PRO A 331 14.33 29.36 -20.44
C PRO A 331 15.25 28.60 -21.39
N ASP A 332 14.67 28.17 -22.51
CA ASP A 332 15.39 27.43 -23.56
C ASP A 332 16.16 26.26 -22.96
N THR A 333 15.52 25.54 -22.03
CA THR A 333 16.13 24.38 -21.38
C THR A 333 15.27 23.16 -21.61
N GLU A 334 15.93 22.04 -21.90
CA GLU A 334 15.25 20.79 -22.26
C GLU A 334 15.17 19.89 -21.03
N TYR A 335 13.99 19.35 -20.77
CA TYR A 335 13.69 18.54 -19.59
C TYR A 335 13.21 17.15 -19.99
N GLU A 336 13.58 16.17 -19.17
CA GLU A 336 13.05 14.80 -19.27
C GLU A 336 12.11 14.55 -18.09
N ILE A 337 10.91 14.06 -18.39
CA ILE A 337 9.87 13.86 -17.37
C ILE A 337 9.37 12.43 -17.45
N ARG A 338 9.31 11.74 -16.29
CA ARG A 338 8.85 10.37 -16.20
C ARG A 338 7.88 10.22 -15.04
N VAL A 339 7.07 9.16 -15.10
CA VAL A 339 6.10 8.81 -14.06
C VAL A 339 6.47 7.45 -13.46
N LEU A 340 6.47 7.38 -12.13
CA LEU A 340 6.62 6.12 -11.40
C LEU A 340 5.28 5.76 -10.76
N LEU A 341 4.91 4.49 -10.86
CA LEU A 341 3.68 3.97 -10.28
C LEU A 341 4.00 2.94 -9.20
N THR A 342 3.17 2.91 -8.16
CA THR A 342 3.39 2.05 -7.00
C THR A 342 2.12 1.29 -6.64
N ARG A 343 2.28 -0.02 -6.36
CA ARG A 343 1.20 -0.87 -5.87
C ARG A 343 1.59 -1.40 -4.47
N PRO A 344 0.68 -2.04 -3.74
CA PRO A 344 0.99 -2.45 -2.36
C PRO A 344 2.18 -3.39 -2.23
N GLY A 345 2.80 -3.36 -1.05
CA GLY A 345 3.76 -4.36 -0.63
C GLY A 345 5.18 -4.13 -1.10
N GLU A 346 6.09 -4.92 -0.50
CA GLU A 346 7.50 -4.87 -0.91
C GLU A 346 7.64 -5.19 -2.38
N GLY A 347 8.45 -4.40 -3.07
CA GLY A 347 8.62 -4.55 -4.50
C GLY A 347 7.48 -4.00 -5.32
N GLY A 348 6.52 -3.33 -4.69
CA GLY A 348 5.36 -2.81 -5.39
C GLY A 348 5.60 -1.56 -6.20
N THR A 349 6.78 -0.94 -6.07
CA THR A 349 7.14 0.21 -6.90
C THR A 349 7.69 -0.28 -8.23
N GLY A 350 7.05 0.13 -9.33
CA GLY A 350 7.44 -0.29 -10.65
C GLY A 350 8.63 0.48 -11.20
N LEU A 351 8.94 0.19 -12.47
CA LEU A 351 10.00 0.82 -13.23
C LEU A 351 9.51 2.16 -13.80
N PRO A 352 10.42 3.13 -13.96
CA PRO A 352 10.03 4.43 -14.53
C PRO A 352 9.43 4.28 -15.91
N GLY A 353 8.38 5.08 -16.19
CA GLY A 353 7.71 5.04 -17.46
C GLY A 353 8.54 5.65 -18.58
N PRO A 354 8.01 5.59 -19.80
CA PRO A 354 8.70 6.19 -20.95
C PRO A 354 8.70 7.70 -20.85
N PRO A 355 9.82 8.34 -21.19
CA PRO A 355 9.96 9.78 -20.92
C PRO A 355 9.36 10.68 -21.98
N LEU A 356 8.89 11.84 -21.51
CA LEU A 356 8.70 13.02 -22.36
C LEU A 356 9.94 13.90 -22.26
N ILE A 357 10.52 14.23 -23.41
CA ILE A 357 11.66 15.14 -23.47
C ILE A 357 11.22 16.37 -24.27
N THR A 358 11.15 17.52 -23.61
CA THR A 358 10.67 18.75 -24.19
C THR A 358 11.43 19.90 -23.56
N ARG A 359 11.25 21.11 -24.09
CA ARG A 359 11.97 22.27 -23.59
C ARG A 359 11.05 23.46 -23.39
N THR A 360 11.51 24.38 -22.54
CA THR A 360 10.85 25.65 -22.32
C THR A 360 11.10 26.61 -23.49
N LYS A 361 10.25 27.63 -23.58
CA LYS A 361 10.45 28.67 -24.57
C LYS A 361 11.69 29.50 -24.23
N GLY A 362 12.05 30.40 -25.15
CA GLY A 362 13.21 31.23 -25.00
C GLY A 362 12.87 32.65 -24.57
N THR A 363 13.93 33.45 -24.41
CA THR A 363 13.78 34.78 -23.82
C THR A 363 13.14 35.78 -24.75
N LYS A 364 13.10 35.49 -26.05
CA LYS A 364 12.42 36.35 -27.02
C LYS A 364 10.93 36.44 -26.71
N SER B 8 3.88 43.87 -16.78
CA SER B 8 2.51 43.59 -16.38
C SER B 8 2.02 44.60 -15.34
N ALA B 9 0.71 44.75 -15.24
CA ALA B 9 0.10 45.68 -14.30
C ALA B 9 0.05 45.09 -12.89
N GLY B 10 -0.08 45.98 -11.91
CA GLY B 10 -0.11 45.62 -10.51
C GLY B 10 0.91 46.39 -9.69
N GLY B 11 1.78 47.14 -10.36
CA GLY B 11 2.69 48.05 -9.71
C GLY B 11 2.05 49.39 -9.43
N CYS B 12 2.87 50.29 -8.87
CA CYS B 12 2.39 51.64 -8.59
C CYS B 12 3.58 52.56 -8.36
N THR B 13 3.53 53.74 -8.98
CA THR B 13 4.46 54.80 -8.63
C THR B 13 3.92 55.74 -7.59
N PHE B 14 2.59 55.82 -7.45
CA PHE B 14 1.84 56.68 -6.52
C PHE B 14 1.78 58.14 -6.97
N ASP B 15 2.10 58.41 -8.23
CA ASP B 15 1.97 59.78 -8.75
C ASP B 15 0.51 60.24 -8.72
N ASP B 16 -0.41 59.35 -9.07
CA ASP B 16 -1.84 59.63 -9.01
C ASP B 16 -2.51 59.03 -7.79
N GLY B 17 -1.75 58.45 -6.86
CA GLY B 17 -2.31 57.93 -5.64
C GLY B 17 -2.56 56.44 -5.63
N PRO B 18 -2.88 55.90 -4.45
CA PRO B 18 -3.07 54.44 -4.34
C PRO B 18 -4.32 53.93 -5.04
N GLY B 19 -5.41 54.71 -5.03
CA GLY B 19 -6.63 54.25 -5.67
C GLY B 19 -6.49 54.08 -7.16
N ALA B 20 -5.67 54.92 -7.80
CA ALA B 20 -5.42 54.80 -9.24
C ALA B 20 -4.69 53.52 -9.63
N CYS B 21 -4.00 52.88 -8.69
CA CYS B 21 -3.27 51.64 -8.94
C CYS B 21 -4.04 50.41 -8.50
N ASP B 22 -5.31 50.57 -8.12
CA ASP B 22 -6.13 49.49 -7.56
C ASP B 22 -5.54 48.96 -6.25
N TYR B 23 -4.87 49.84 -5.50
CA TYR B 23 -4.41 49.51 -4.16
C TYR B 23 -5.49 49.93 -3.16
N HIS B 24 -5.77 49.05 -2.21
CA HIS B 24 -6.87 49.26 -1.28
C HIS B 24 -6.39 48.97 0.14
N GLN B 25 -7.15 49.47 1.11
CA GLN B 25 -6.82 49.28 2.52
C GLN B 25 -7.97 48.57 3.22
N ASP B 26 -7.60 47.74 4.20
CA ASP B 26 -8.55 46.89 4.92
C ASP B 26 -9.33 47.71 5.94
N LEU B 27 -10.66 47.59 5.89
CA LEU B 27 -11.51 48.39 6.76
C LEU B 27 -11.41 47.98 8.23
N TYR B 28 -10.88 46.80 8.51
CA TYR B 28 -10.62 46.36 9.88
C TYR B 28 -9.23 46.77 10.34
N ASP B 29 -8.55 47.64 9.60
CA ASP B 29 -7.27 48.18 10.03
C ASP B 29 -7.45 49.31 11.04
N ASP B 30 -6.43 49.49 11.88
CA ASP B 30 -6.46 50.50 12.93
C ASP B 30 -6.44 51.90 12.36
N PHE B 31 -5.72 52.11 11.26
CA PHE B 31 -5.62 53.42 10.61
C PHE B 31 -5.13 53.22 9.18
N GLU B 32 -5.23 54.29 8.39
CA GLU B 32 -4.93 54.25 6.96
C GLU B 32 -3.52 54.76 6.66
N TRP B 33 -2.88 54.12 5.69
CA TRP B 33 -1.74 54.75 5.01
C TRP B 33 -2.15 56.08 4.42
N VAL B 34 -1.24 57.04 4.43
CA VAL B 34 -1.51 58.39 3.95
C VAL B 34 -0.72 58.62 2.66
N HIS B 35 -1.39 59.20 1.67
CA HIS B 35 -0.75 59.54 0.40
C HIS B 35 -0.03 60.88 0.51
N VAL B 36 1.25 60.88 0.17
CA VAL B 36 2.02 62.11 0.04
C VAL B 36 2.08 62.44 -1.45
N SER B 37 1.89 63.71 -1.78
CA SER B 37 1.85 64.15 -3.16
C SER B 37 2.77 65.35 -3.32
N ALA B 38 3.44 65.42 -4.46
CA ALA B 38 4.17 66.62 -4.83
C ALA B 38 3.27 67.83 -5.03
N GLN B 39 1.95 67.62 -5.10
CA GLN B 39 1.02 68.68 -5.46
C GLN B 39 0.69 69.58 -4.28
N GLU B 40 0.98 69.14 -3.07
CA GLU B 40 0.80 69.82 -1.81
C GLU B 40 2.12 70.32 -1.26
N PRO B 41 2.10 71.39 -0.47
CA PRO B 41 3.34 71.91 0.12
C PRO B 41 4.01 70.85 0.98
N HIS B 42 5.34 70.78 0.87
CA HIS B 42 6.08 69.73 1.54
C HIS B 42 6.10 70.04 3.03
N TYR B 43 5.10 69.52 3.74
CA TYR B 43 4.95 69.75 5.17
C TYR B 43 5.78 68.79 6.01
N LEU B 44 6.20 67.67 5.43
CA LEU B 44 7.02 66.70 6.13
C LEU B 44 8.38 67.33 6.42
N PRO B 45 9.19 66.71 7.27
CA PRO B 45 10.56 67.20 7.47
C PRO B 45 11.30 67.27 6.14
N PRO B 46 12.13 68.30 5.95
CA PRO B 46 12.83 68.44 4.66
C PRO B 46 13.77 67.29 4.36
N GLU B 47 14.18 66.53 5.39
CA GLU B 47 15.01 65.36 5.14
C GLU B 47 14.25 64.28 4.40
N MET B 48 12.93 64.22 4.56
CA MET B 48 12.16 63.22 3.84
C MET B 48 12.25 63.47 2.34
N PRO B 49 12.26 62.40 1.54
CA PRO B 49 12.39 62.57 0.09
C PRO B 49 11.19 63.29 -0.50
N GLN B 50 11.44 64.00 -1.60
CA GLN B 50 10.36 64.63 -2.35
C GLN B 50 9.73 63.62 -3.31
N GLY B 51 8.58 64.01 -3.85
CA GLY B 51 7.85 63.19 -4.80
C GLY B 51 6.51 62.74 -4.25
N SER B 52 5.95 61.69 -4.83
CA SER B 52 4.68 61.14 -4.39
C SER B 52 4.86 59.69 -3.96
N TYR B 53 4.38 59.36 -2.76
CA TYR B 53 4.56 58.03 -2.20
C TYR B 53 3.57 57.87 -1.05
N MET B 54 3.69 56.76 -0.32
CA MET B 54 2.80 56.41 0.78
C MET B 54 3.58 56.47 2.08
N ILE B 55 2.92 56.93 3.15
CA ILE B 55 3.62 57.18 4.40
C ILE B 55 2.74 56.82 5.58
N VAL B 56 3.39 56.51 6.70
CA VAL B 56 2.74 56.31 8.00
C VAL B 56 3.51 57.14 9.02
N ASP B 57 2.78 57.89 9.85
CA ASP B 57 3.38 58.72 10.88
C ASP B 57 3.07 58.05 12.21
N SER B 58 4.11 57.58 12.91
CA SER B 58 3.91 56.86 14.16
C SER B 58 3.42 57.77 15.28
N SER B 59 3.59 59.09 15.14
CA SER B 59 3.24 59.99 16.24
C SER B 59 1.73 60.07 16.45
N ASP B 60 0.95 59.91 15.38
CA ASP B 60 -0.51 60.05 15.45
C ASP B 60 -1.21 58.82 16.00
N HIS B 61 -0.47 57.82 16.50
CA HIS B 61 -1.04 56.50 16.75
C HIS B 61 -0.42 55.90 18.01
N ASP B 62 -1.08 54.87 18.53
CA ASP B 62 -0.67 54.13 19.72
C ASP B 62 0.23 52.96 19.34
N PRO B 63 0.99 52.44 20.31
CA PRO B 63 1.87 51.30 20.02
C PRO B 63 1.11 50.11 19.46
N GLY B 64 1.66 49.52 18.41
CA GLY B 64 1.12 48.30 17.83
C GLY B 64 -0.05 48.47 16.88
N GLU B 65 -0.57 49.69 16.71
CA GLU B 65 -1.59 49.91 15.70
C GLU B 65 -1.03 49.62 14.31
N LYS B 66 -1.81 48.92 13.49
CA LYS B 66 -1.35 48.43 12.20
C LYS B 66 -2.15 49.02 11.06
N ALA B 67 -1.45 49.43 10.01
CA ALA B 67 -2.03 49.86 8.74
C ALA B 67 -1.67 48.87 7.65
N ARG B 68 -2.62 48.56 6.78
CA ARG B 68 -2.42 47.55 5.74
C ARG B 68 -2.82 48.13 4.39
N LEU B 69 -1.89 48.10 3.43
CA LEU B 69 -2.14 48.52 2.06
C LEU B 69 -2.04 47.28 1.18
N GLN B 70 -3.11 46.98 0.46
CA GLN B 70 -3.27 45.69 -0.22
C GLN B 70 -3.17 45.87 -1.74
N LEU B 71 -2.22 45.16 -2.35
CA LEU B 71 -2.04 45.19 -3.79
C LEU B 71 -3.09 44.32 -4.49
N PRO B 72 -3.34 44.56 -5.78
CA PRO B 72 -4.28 43.71 -6.51
C PRO B 72 -3.82 42.27 -6.61
N THR B 73 -4.78 41.40 -6.90
CA THR B 73 -4.52 39.96 -7.00
C THR B 73 -3.63 39.67 -8.20
N MET B 74 -2.67 38.77 -8.01
CA MET B 74 -1.72 38.38 -9.05
C MET B 74 -1.94 36.92 -9.37
N LYS B 75 -2.25 36.63 -10.63
CA LYS B 75 -2.67 35.30 -11.07
C LYS B 75 -1.91 34.99 -12.37
N GLU B 76 -0.59 35.05 -12.31
CA GLU B 76 0.24 35.00 -13.50
C GLU B 76 0.87 33.64 -13.71
N ASN B 77 1.22 33.38 -14.96
CA ASN B 77 2.12 32.31 -15.33
C ASN B 77 3.52 32.91 -15.48
N ASP B 78 4.53 32.04 -15.50
CA ASP B 78 5.93 32.44 -15.67
C ASP B 78 6.53 33.22 -14.50
N THR B 79 7.83 33.02 -14.29
CA THR B 79 8.59 33.71 -13.26
C THR B 79 8.46 35.23 -13.34
N HIS B 80 8.28 35.86 -12.17
CA HIS B 80 8.14 37.31 -12.07
C HIS B 80 8.50 37.71 -10.64
N CYS B 81 8.70 39.01 -10.45
CA CYS B 81 9.08 39.52 -9.13
C CYS B 81 8.50 40.91 -8.94
N ILE B 82 8.46 41.34 -7.67
CA ILE B 82 7.94 42.65 -7.28
C ILE B 82 9.05 43.42 -6.58
N ASP B 83 9.40 44.58 -7.14
CA ASP B 83 10.36 45.49 -6.52
C ASP B 83 9.62 46.62 -5.82
N PHE B 84 10.15 47.05 -4.68
CA PHE B 84 9.57 48.17 -3.96
C PHE B 84 10.68 48.95 -3.25
N SER B 85 10.40 50.22 -3.00
CA SER B 85 11.28 51.07 -2.20
C SER B 85 10.66 51.33 -0.84
N TYR B 86 11.51 51.40 0.18
CA TYR B 86 11.03 51.64 1.54
C TYR B 86 12.05 52.48 2.30
N LEU B 87 11.59 53.11 3.37
CA LEU B 87 12.48 53.69 4.35
C LEU B 87 11.71 53.85 5.67
N LEU B 88 12.47 53.85 6.75
CA LEU B 88 11.95 54.17 8.07
C LEU B 88 12.81 55.29 8.64
N TYR B 89 12.20 56.44 8.90
CA TYR B 89 12.96 57.65 9.20
C TYR B 89 12.46 58.30 10.47
N SER B 90 13.40 58.86 11.22
CA SER B 90 13.10 59.68 12.38
C SER B 90 14.09 60.83 12.42
N GLN B 91 13.59 62.03 12.74
CA GLN B 91 14.46 63.19 12.86
C GLN B 91 15.54 62.96 13.91
N LYS B 92 15.24 62.16 14.94
CA LYS B 92 16.15 61.90 16.04
C LYS B 92 16.71 60.48 16.03
N GLY B 93 16.59 59.78 14.89
CA GLY B 93 17.18 58.47 14.75
C GLY B 93 16.44 57.36 15.46
N LEU B 94 15.21 57.63 15.91
CA LEU B 94 14.41 56.66 16.63
C LEU B 94 13.84 55.59 15.70
N ASN B 95 13.43 54.48 16.30
CA ASN B 95 12.76 53.36 15.62
C ASN B 95 11.29 53.70 15.39
N PRO B 96 10.88 53.89 14.13
CA PRO B 96 9.46 54.20 13.86
C PRO B 96 8.54 53.01 13.98
N GLY B 97 9.04 51.80 13.85
CA GLY B 97 8.19 50.62 13.91
C GLY B 97 8.73 49.52 13.02
N THR B 98 7.81 48.70 12.52
CA THR B 98 8.14 47.60 11.63
C THR B 98 7.30 47.69 10.36
N LEU B 99 7.95 47.48 9.21
CA LEU B 99 7.27 47.31 7.94
C LEU B 99 7.21 45.82 7.63
N ASN B 100 6.00 45.27 7.64
CA ASN B 100 5.77 43.86 7.34
C ASN B 100 5.21 43.71 5.93
N ILE B 101 5.60 42.63 5.26
CA ILE B 101 5.02 42.28 3.97
C ILE B 101 4.40 40.90 4.09
N LEU B 102 3.10 40.82 3.77
CA LEU B 102 2.33 39.60 3.85
C LEU B 102 1.90 39.19 2.46
N VAL B 103 1.92 37.89 2.19
CA VAL B 103 1.53 37.34 0.90
C VAL B 103 0.38 36.40 1.16
N ARG B 104 -0.84 36.87 0.84
CA ARG B 104 -2.07 36.13 1.07
C ARG B 104 -2.40 35.32 -0.18
N VAL B 105 -2.49 34.00 -0.02
CA VAL B 105 -2.67 33.09 -1.14
C VAL B 105 -4.13 32.66 -1.21
N ASN B 106 -4.72 32.74 -2.40
CA ASN B 106 -6.09 32.25 -2.67
C ASN B 106 -7.11 32.85 -1.69
N LYS B 107 -7.00 34.15 -1.44
CA LYS B 107 -7.91 34.90 -0.57
C LYS B 107 -8.11 34.23 0.78
N GLY B 108 -7.15 33.43 1.23
CA GLY B 108 -7.25 32.73 2.50
C GLY B 108 -6.54 33.47 3.62
N PRO B 109 -6.11 32.70 4.64
CA PRO B 109 -5.37 33.30 5.75
C PRO B 109 -4.08 33.97 5.29
N LEU B 110 -3.74 35.09 5.94
CA LEU B 110 -2.61 35.91 5.52
C LEU B 110 -1.26 35.25 5.82
N ALA B 111 -1.18 34.46 6.90
CA ALA B 111 0.07 33.93 7.42
C ALA B 111 0.99 35.03 7.92
N ASN B 112 2.13 34.66 8.49
CA ASN B 112 3.08 35.60 9.07
C ASN B 112 3.86 36.32 7.98
N PRO B 113 4.53 37.42 8.31
CA PRO B 113 5.29 38.17 7.30
C PRO B 113 6.36 37.31 6.64
N ILE B 114 6.53 37.53 5.32
CA ILE B 114 7.61 36.88 4.58
C ILE B 114 8.77 37.84 4.34
N TRP B 115 8.63 39.11 4.70
CA TRP B 115 9.72 40.06 4.70
C TRP B 115 9.36 41.18 5.68
N ASN B 116 10.27 41.49 6.59
CA ASN B 116 10.06 42.64 7.46
C ASN B 116 11.37 43.36 7.74
N VAL B 117 11.26 44.67 7.96
CA VAL B 117 12.35 45.52 8.43
C VAL B 117 11.85 46.32 9.62
N THR B 118 12.71 46.47 10.63
CA THR B 118 12.39 47.24 11.83
C THR B 118 13.50 48.24 12.12
N GLY B 119 13.12 49.43 12.56
CA GLY B 119 14.07 50.42 13.01
C GLY B 119 14.41 51.46 11.95
N PHE B 120 15.07 52.51 12.43
CA PHE B 120 15.54 53.59 11.57
C PHE B 120 16.47 53.05 10.48
N THR B 121 16.21 53.48 9.24
CA THR B 121 17.07 53.15 8.11
C THR B 121 17.83 54.34 7.56
N GLY B 122 17.23 55.52 7.57
CA GLY B 122 17.84 56.71 7.00
C GLY B 122 16.81 57.50 6.24
N ARG B 123 17.28 58.52 5.52
CA ARG B 123 16.41 59.38 4.74
C ARG B 123 16.33 58.97 3.27
N ASP B 124 17.15 58.03 2.83
CA ASP B 124 17.14 57.56 1.45
C ASP B 124 16.25 56.33 1.29
N TRP B 125 15.74 56.14 0.08
CA TRP B 125 15.01 54.92 -0.25
C TRP B 125 15.94 53.71 -0.28
N LEU B 126 15.46 52.60 0.27
CA LEU B 126 16.07 51.29 0.09
C LEU B 126 15.16 50.42 -0.77
N ARG B 127 15.76 49.53 -1.54
CA ARG B 127 15.04 48.71 -2.52
C ARG B 127 15.10 47.24 -2.13
N ALA B 128 13.97 46.54 -2.31
CA ALA B 128 13.89 45.11 -2.03
C ALA B 128 12.99 44.43 -3.06
N GLU B 129 13.13 43.11 -3.16
CA GLU B 129 12.48 42.33 -4.21
C GLU B 129 11.80 41.09 -3.64
N LEU B 130 10.59 40.80 -4.12
CA LEU B 130 9.84 39.62 -3.73
C LEU B 130 9.68 38.66 -4.91
N ALA B 131 9.88 37.37 -4.64
CA ALA B 131 9.67 36.31 -5.62
C ALA B 131 8.72 35.28 -5.03
N VAL B 132 7.49 35.22 -5.53
CA VAL B 132 6.45 34.37 -4.99
C VAL B 132 6.11 33.29 -6.01
N SER B 133 6.34 32.03 -5.64
CA SER B 133 6.03 30.91 -6.51
C SER B 133 4.56 30.49 -6.39
N THR B 134 3.64 31.44 -6.56
CA THR B 134 2.21 31.15 -6.62
C THR B 134 1.71 31.58 -8.00
N PHE B 135 1.12 30.64 -8.73
CA PHE B 135 0.79 30.85 -10.13
C PHE B 135 -0.62 30.37 -10.43
N TRP B 136 -1.15 30.85 -11.55
CA TRP B 136 -2.45 30.41 -12.03
C TRP B 136 -2.50 28.88 -12.07
N PRO B 137 -3.61 28.26 -11.65
CA PRO B 137 -4.91 28.86 -11.29
C PRO B 137 -4.95 29.44 -9.87
N ASN B 138 -3.84 29.42 -9.14
CA ASN B 138 -3.79 30.02 -7.81
C ASN B 138 -3.41 31.49 -7.91
N GLU B 139 -3.75 32.24 -6.86
CA GLU B 139 -3.58 33.68 -6.87
C GLU B 139 -3.03 34.16 -5.53
N TYR B 140 -2.49 35.39 -5.49
CA TYR B 140 -2.01 35.94 -4.24
C TYR B 140 -2.13 37.45 -4.22
N GLN B 141 -2.24 38.00 -3.01
CA GLN B 141 -2.13 39.44 -2.74
C GLN B 141 -0.90 39.72 -1.90
N VAL B 142 -0.17 40.77 -2.27
CA VAL B 142 0.86 41.34 -1.41
C VAL B 142 0.23 42.42 -0.54
N ILE B 143 0.57 42.41 0.75
CA ILE B 143 0.09 43.41 1.70
C ILE B 143 1.30 44.06 2.37
N PHE B 144 1.35 45.39 2.33
CA PHE B 144 2.32 46.18 3.08
C PHE B 144 1.70 46.56 4.43
N GLU B 145 2.26 46.05 5.51
CA GLU B 145 1.75 46.28 6.86
C GLU B 145 2.74 47.13 7.66
N ALA B 146 2.24 48.24 8.21
CA ALA B 146 3.01 49.11 9.09
C ALA B 146 2.54 48.94 10.52
N GLU B 147 3.44 48.51 11.41
CA GLU B 147 3.16 48.40 12.84
C GLU B 147 3.92 49.49 13.58
N VAL B 148 3.19 50.33 14.32
CA VAL B 148 3.76 51.53 14.92
C VAL B 148 4.53 51.12 16.18
N SER B 149 5.68 51.77 16.40
CA SER B 149 6.65 51.31 17.38
C SER B 149 6.28 51.58 18.83
N GLY B 150 5.48 52.60 19.10
CA GLY B 150 5.20 52.99 20.46
C GLY B 150 6.15 54.03 21.04
N GLY B 151 7.29 54.25 20.40
CA GLY B 151 7.94 55.50 20.74
C GLY B 151 7.29 56.70 20.10
N ARG B 152 6.26 56.45 19.28
CA ARG B 152 5.41 57.48 18.70
C ARG B 152 6.21 58.61 18.07
N SER B 153 7.15 58.22 17.20
CA SER B 153 8.05 59.17 16.54
C SER B 153 8.59 58.57 15.26
N GLY B 154 8.51 59.34 14.18
CA GLY B 154 9.07 59.00 12.88
C GLY B 154 8.07 58.39 11.92
N TYR B 155 8.58 58.02 10.76
CA TYR B 155 7.75 57.72 9.59
C TYR B 155 8.16 56.39 8.97
N ILE B 156 7.17 55.67 8.45
CA ILE B 156 7.39 54.50 7.59
C ILE B 156 6.83 54.85 6.22
N ALA B 157 7.60 54.59 5.17
CA ALA B 157 7.22 54.98 3.83
C ALA B 157 7.59 53.89 2.83
N ILE B 158 6.79 53.80 1.76
CA ILE B 158 7.04 52.89 0.66
C ILE B 158 6.80 53.64 -0.64
N ASP B 159 7.53 53.24 -1.68
CA ASP B 159 7.44 53.92 -2.97
C ASP B 159 7.84 52.95 -4.08
N ASP B 160 7.43 53.29 -5.30
CA ASP B 160 8.00 52.71 -6.51
C ASP B 160 7.80 51.20 -6.56
N ILE B 161 6.55 50.77 -6.51
CA ILE B 161 6.23 49.35 -6.67
C ILE B 161 6.28 49.01 -8.15
N GLN B 162 7.01 47.96 -8.49
CA GLN B 162 7.15 47.53 -9.88
C GLN B 162 7.07 46.01 -9.96
N VAL B 163 6.27 45.51 -10.89
CA VAL B 163 6.17 44.08 -11.16
C VAL B 163 7.03 43.78 -12.38
N LEU B 164 8.02 42.90 -12.20
CA LEU B 164 9.02 42.65 -13.22
C LEU B 164 9.06 41.16 -13.55
N SER B 165 9.29 40.87 -14.84
CA SER B 165 9.51 39.51 -15.30
C SER B 165 10.98 39.18 -15.47
N TYR B 166 11.83 40.19 -15.61
CA TYR B 166 13.27 40.04 -15.72
C TYR B 166 13.93 41.31 -15.18
N PRO B 167 15.15 41.20 -14.63
CA PRO B 167 15.95 39.99 -14.40
C PRO B 167 15.49 39.14 -13.21
N CYS B 168 14.96 39.77 -12.16
CA CYS B 168 14.54 39.08 -10.94
C CYS B 168 15.67 38.20 -10.38
N ASP B 169 16.76 38.86 -9.99
CA ASP B 169 17.95 38.17 -9.52
C ASP B 169 18.41 38.63 -8.14
N LYS B 170 17.62 39.45 -7.45
CA LYS B 170 17.99 39.91 -6.11
C LYS B 170 17.50 38.97 -5.02
N SER B 171 16.49 38.14 -5.30
CA SER B 171 15.93 37.20 -4.34
C SER B 171 15.99 35.78 -4.89
N PRO B 172 16.04 34.77 -4.01
CA PRO B 172 15.98 33.38 -4.49
C PRO B 172 14.58 33.00 -4.98
N HIS B 173 14.58 31.99 -5.86
CA HIS B 173 13.34 31.43 -6.42
C HIS B 173 13.23 29.97 -6.02
N PHE B 174 12.11 29.61 -5.42
CA PHE B 174 11.85 28.22 -5.07
C PHE B 174 11.17 27.48 -6.21
N LEU B 175 11.68 26.29 -6.53
CA LEU B 175 10.94 25.38 -7.39
C LEU B 175 9.68 24.91 -6.67
N ARG B 176 8.85 24.17 -7.40
CA ARG B 176 7.59 23.68 -6.83
C ARG B 176 7.84 22.78 -5.62
N LEU B 177 7.18 23.11 -4.52
CA LEU B 177 7.16 22.26 -3.33
C LEU B 177 6.01 21.27 -3.44
N GLY B 178 6.32 19.98 -3.37
CA GLY B 178 5.31 18.96 -3.52
C GLY B 178 4.51 18.72 -2.25
N ASP B 179 3.25 18.35 -2.43
CA ASP B 179 2.42 17.95 -1.30
C ASP B 179 3.01 16.69 -0.64
N VAL B 180 2.75 16.54 0.64
CA VAL B 180 3.26 15.42 1.43
C VAL B 180 2.10 14.73 2.12
N GLU B 181 2.08 13.39 2.05
CA GLU B 181 1.08 12.59 2.74
C GLU B 181 1.77 11.48 3.53
N VAL B 182 1.43 11.39 4.83
CA VAL B 182 1.93 10.33 5.69
C VAL B 182 0.79 9.85 6.58
N ASN B 183 0.96 8.64 7.11
CA ASN B 183 0.07 8.13 8.15
C ASN B 183 0.41 8.75 9.50
N ALA B 184 -0.60 8.88 10.35
CA ALA B 184 -0.42 9.49 11.66
C ALA B 184 0.65 8.76 12.45
N GLY B 185 1.39 9.53 13.25
CA GLY B 185 2.49 9.01 14.04
C GLY B 185 3.79 8.84 13.30
N GLN B 186 3.79 8.94 11.97
CA GLN B 186 5.01 8.89 11.18
C GLN B 186 5.60 10.28 10.99
N ASN B 187 6.92 10.33 10.80
CA ASN B 187 7.61 11.60 10.56
C ASN B 187 7.48 12.04 9.12
N ALA B 188 7.29 13.34 8.92
CA ALA B 188 7.15 13.94 7.59
C ALA B 188 8.31 14.89 7.31
N THR B 189 8.60 15.08 6.02
CA THR B 189 9.69 15.95 5.58
C THR B 189 9.27 16.79 4.38
N PHE B 190 9.49 18.10 4.45
CA PHE B 190 9.39 19.02 3.32
C PHE B 190 10.79 19.38 2.83
N GLN B 191 11.00 19.30 1.51
CA GLN B 191 12.29 19.65 0.90
C GLN B 191 12.07 20.74 -0.14
N CYS B 192 12.80 21.86 0.01
CA CYS B 192 12.69 22.99 -0.88
C CYS B 192 13.98 23.19 -1.68
N ILE B 193 13.84 23.50 -2.97
CA ILE B 193 14.96 23.75 -3.87
C ILE B 193 14.89 25.21 -4.30
N ALA B 194 16.00 25.94 -4.14
CA ALA B 194 16.06 27.36 -4.43
C ALA B 194 17.29 27.71 -5.26
N THR B 195 17.12 28.65 -6.18
CA THR B 195 18.23 29.25 -6.90
C THR B 195 18.79 30.44 -6.14
N GLY B 196 20.10 30.66 -6.26
CA GLY B 196 20.74 31.79 -5.65
C GLY B 196 22.00 31.39 -4.90
N ARG B 197 22.52 32.34 -4.13
CA ARG B 197 23.85 32.22 -3.51
C ARG B 197 24.04 30.96 -2.66
N ASN B 202 21.57 32.70 4.45
CA ASN B 202 20.43 33.60 4.64
C ASN B 202 19.39 32.98 5.58
N LYS B 203 18.46 33.80 6.06
CA LYS B 203 17.41 33.31 6.94
C LYS B 203 16.42 32.49 6.12
N LEU B 204 16.07 31.31 6.63
CA LEU B 204 15.32 30.34 5.85
C LEU B 204 14.47 29.51 6.80
N TRP B 205 13.18 29.36 6.48
CA TRP B 205 12.30 28.60 7.34
C TRP B 205 11.11 28.10 6.53
N LEU B 206 10.38 27.17 7.13
CA LEU B 206 9.14 26.66 6.57
C LEU B 206 7.97 27.29 7.33
N GLN B 207 7.10 27.96 6.60
CA GLN B 207 6.02 28.74 7.18
C GLN B 207 4.72 27.94 7.14
N ARG B 208 4.09 27.76 8.30
CA ARG B 208 2.75 27.17 8.34
C ARG B 208 1.72 28.29 8.20
N ARG B 209 0.73 28.04 7.34
CA ARG B 209 -0.26 29.06 6.99
C ARG B 209 -1.04 29.54 8.21
N ASN B 210 -1.59 28.62 8.98
CA ASN B 210 -2.33 28.94 10.21
C ASN B 210 -1.68 28.14 11.34
N GLY B 211 -0.53 28.62 11.80
CA GLY B 211 0.22 27.91 12.81
C GLY B 211 1.61 28.50 12.98
N GLU B 212 2.44 27.76 13.70
CA GLU B 212 3.80 28.14 14.02
C GLU B 212 4.73 27.89 12.83
N ASP B 213 5.82 28.64 12.78
CA ASP B 213 6.84 28.47 11.74
C ASP B 213 7.89 27.47 12.19
N ILE B 214 8.29 26.60 11.27
CA ILE B 214 9.15 25.45 11.56
C ILE B 214 10.58 25.78 11.15
N PRO B 215 11.57 25.56 12.01
CA PRO B 215 12.96 25.85 11.64
C PRO B 215 13.59 24.76 10.77
N VAL B 216 14.69 25.15 10.11
CA VAL B 216 15.43 24.26 9.24
C VAL B 216 15.95 23.04 10.00
N ALA B 217 15.84 21.87 9.38
CA ALA B 217 16.53 20.68 9.88
C ALA B 217 17.91 20.52 9.28
N GLN B 218 18.05 20.64 7.95
CA GLN B 218 19.33 20.44 7.30
C GLN B 218 19.36 21.22 5.99
N THR B 219 20.57 21.61 5.56
CA THR B 219 20.78 22.31 4.29
C THR B 219 22.02 21.76 3.59
N LYS B 220 21.91 21.55 2.27
CA LYS B 220 23.00 21.01 1.47
C LYS B 220 23.04 21.68 0.09
N ASN B 221 24.20 21.59 -0.57
CA ASN B 221 24.44 22.12 -1.91
C ASN B 221 24.29 21.05 -2.99
N ILE B 222 23.26 21.19 -3.84
CA ILE B 222 23.03 20.24 -4.93
C ILE B 222 23.57 20.72 -6.28
N ASN B 223 23.93 22.00 -6.42
CA ASN B 223 24.30 22.57 -7.71
C ASN B 223 25.05 23.88 -7.48
N HIS B 224 25.70 24.36 -8.55
CA HIS B 224 26.39 25.65 -8.48
C HIS B 224 25.38 26.80 -8.32
N ARG B 225 24.23 26.70 -8.99
CA ARG B 225 23.22 27.74 -8.96
C ARG B 225 22.08 27.48 -7.97
N ARG B 226 21.91 26.24 -7.52
CA ARG B 226 20.74 25.87 -6.72
C ARG B 226 21.19 25.13 -5.46
N PHE B 227 20.47 25.39 -4.37
CA PHE B 227 20.69 24.77 -3.08
C PHE B 227 19.39 24.21 -2.55
N ALA B 228 19.51 23.33 -1.55
CA ALA B 228 18.38 22.57 -1.03
C ALA B 228 18.32 22.68 0.49
N ALA B 229 17.10 22.63 1.02
CA ALA B 229 16.87 22.68 2.46
C ALA B 229 15.74 21.72 2.84
N SER B 230 15.88 21.10 4.02
CA SER B 230 14.97 20.04 4.46
C SER B 230 14.40 20.39 5.84
N PHE B 231 13.12 20.08 6.03
CA PHE B 231 12.41 20.36 7.28
C PHE B 231 11.73 19.09 7.78
N ARG B 232 12.01 18.69 9.02
CA ARG B 232 11.41 17.49 9.60
C ARG B 232 10.37 17.82 10.66
N LEU B 233 9.21 17.19 10.52
CA LEU B 233 8.12 17.19 11.50
C LEU B 233 8.04 15.79 12.08
N GLN B 234 8.23 15.68 13.40
CA GLN B 234 8.29 14.36 14.03
C GLN B 234 6.90 13.94 14.54
N GLU B 235 6.61 12.65 14.39
CA GLU B 235 5.38 12.00 14.84
C GLU B 235 4.15 12.86 14.54
N VAL B 236 3.91 13.06 13.24
CA VAL B 236 2.86 13.94 12.78
C VAL B 236 1.47 13.47 13.24
N THR B 237 0.58 14.44 13.46
CA THR B 237 -0.76 14.20 14.00
C THR B 237 -1.74 15.02 13.16
N LYS B 238 -3.01 14.59 13.17
CA LYS B 238 -4.04 15.25 12.37
C LYS B 238 -4.14 16.75 12.66
N THR B 239 -3.62 17.20 13.80
CA THR B 239 -3.58 18.62 14.10
C THR B 239 -2.59 19.37 13.21
N ASP B 240 -1.61 18.66 12.65
CA ASP B 240 -0.59 19.26 11.80
C ASP B 240 -0.99 19.37 10.34
N GLN B 241 -2.14 18.81 9.95
CA GLN B 241 -2.61 18.88 8.57
C GLN B 241 -2.88 20.32 8.18
N ASP B 242 -2.01 20.90 7.35
CA ASP B 242 -2.12 22.30 6.97
C ASP B 242 -1.26 22.54 5.73
N LEU B 243 -1.35 23.76 5.18
CA LEU B 243 -0.47 24.19 4.11
C LEU B 243 0.82 24.77 4.67
N TYR B 244 1.93 24.45 4.00
CA TYR B 244 3.26 24.91 4.38
C TYR B 244 3.96 25.45 3.15
N ARG B 245 4.73 26.52 3.33
CA ARG B 245 5.50 27.10 2.24
C ARG B 245 6.87 27.52 2.77
N CYS B 246 7.88 27.41 1.90
CA CYS B 246 9.21 27.87 2.24
C CYS B 246 9.34 29.38 2.04
N VAL B 247 10.05 30.01 2.96
CA VAL B 247 10.35 31.43 2.89
C VAL B 247 11.83 31.60 3.18
N THR B 248 12.49 32.45 2.39
CA THR B 248 13.87 32.84 2.66
C THR B 248 13.93 34.35 2.57
N GLN B 249 14.71 34.97 3.46
CA GLN B 249 14.73 36.41 3.58
C GLN B 249 16.15 36.91 3.72
N SER B 250 16.44 38.01 3.03
CA SER B 250 17.67 38.77 3.18
C SER B 250 17.30 40.25 3.17
N GLU B 251 18.30 41.09 3.41
CA GLU B 251 18.06 42.52 3.33
C GLU B 251 17.72 42.94 1.90
N ARG B 252 18.12 42.14 0.91
CA ARG B 252 17.81 42.42 -0.49
C ARG B 252 16.40 42.00 -0.90
N GLY B 253 15.73 41.14 -0.15
CA GLY B 253 14.41 40.70 -0.53
C GLY B 253 14.10 39.30 0.01
N SER B 254 12.98 38.76 -0.46
CA SER B 254 12.50 37.46 -0.03
C SER B 254 12.08 36.60 -1.21
N GLY B 255 12.22 35.28 -1.03
CA GLY B 255 11.62 34.30 -1.94
C GLY B 255 10.61 33.46 -1.18
N VAL B 256 9.49 33.15 -1.84
CA VAL B 256 8.38 32.44 -1.21
C VAL B 256 7.90 31.35 -2.18
N SER B 257 7.71 30.14 -1.65
CA SER B 257 7.32 29.01 -2.47
C SER B 257 5.80 28.89 -2.53
N ASN B 258 5.32 27.80 -3.11
CA ASN B 258 3.89 27.52 -3.14
C ASN B 258 3.46 26.85 -1.84
N PHE B 259 2.20 27.05 -1.50
CA PHE B 259 1.64 26.39 -0.32
C PHE B 259 1.42 24.91 -0.64
N ALA B 260 2.35 24.07 -0.18
CA ALA B 260 2.20 22.63 -0.30
C ALA B 260 1.37 22.10 0.86
N GLN B 261 0.69 20.98 0.63
CA GLN B 261 -0.24 20.40 1.59
C GLN B 261 0.40 19.25 2.35
N LEU B 262 0.23 19.24 3.66
CA LEU B 262 0.50 18.07 4.49
C LEU B 262 -0.81 17.33 4.76
N ILE B 263 -0.88 16.07 4.35
CA ILE B 263 -2.04 15.22 4.59
C ILE B 263 -1.68 14.16 5.63
N VAL B 264 -2.53 14.01 6.64
CA VAL B 264 -2.34 13.03 7.71
C VAL B 264 -3.48 12.02 7.63
N ARG B 265 -3.14 10.74 7.46
CA ARG B 265 -4.12 9.69 7.31
C ARG B 265 -4.18 8.85 8.58
N GLU B 266 -5.39 8.37 8.90
CA GLU B 266 -5.59 7.56 10.08
C GLU B 266 -5.58 6.09 9.67
N PRO B 267 -4.69 5.27 10.22
CA PRO B 267 -4.71 3.84 9.91
C PRO B 267 -6.04 3.21 10.30
N PRO B 268 -6.62 2.37 9.45
CA PRO B 268 -7.97 1.88 9.69
C PRO B 268 -7.99 0.76 10.72
N ARG B 269 -9.11 0.67 11.42
CA ARG B 269 -9.45 -0.47 12.26
C ARG B 269 -10.96 -0.58 12.35
N PRO B 270 -11.50 -1.78 12.53
CA PRO B 270 -12.96 -1.93 12.57
C PRO B 270 -13.56 -1.36 13.84
N ILE B 271 -14.83 -0.94 13.74
CA ILE B 271 -15.52 -0.39 14.89
C ILE B 271 -16.00 -1.49 15.83
N ALA B 272 -16.60 -2.55 15.27
CA ALA B 272 -17.23 -3.67 15.94
C ALA B 272 -16.34 -4.91 15.90
N PRO B 273 -16.48 -5.82 16.87
CA PRO B 273 -15.75 -7.09 16.82
C PRO B 273 -16.41 -8.06 15.85
N PRO B 274 -15.73 -9.14 15.48
CA PRO B 274 -16.38 -10.17 14.67
C PRO B 274 -17.51 -10.84 15.45
N GLN B 275 -18.39 -11.49 14.71
CA GLN B 275 -19.56 -12.16 15.27
C GLN B 275 -19.56 -13.63 14.83
N LEU B 276 -20.13 -14.47 15.68
CA LEU B 276 -20.15 -15.91 15.43
C LEU B 276 -21.40 -16.30 14.66
N LEU B 277 -21.20 -16.84 13.46
CA LEU B 277 -22.30 -17.34 12.64
C LEU B 277 -22.60 -18.81 12.90
N GLY B 278 -21.58 -19.61 13.21
CA GLY B 278 -21.76 -21.03 13.41
C GLY B 278 -20.58 -21.63 14.13
N VAL B 279 -20.83 -22.77 14.78
CA VAL B 279 -19.80 -23.39 15.62
C VAL B 279 -20.07 -24.89 15.68
N GLY B 280 -18.99 -25.66 15.64
CA GLY B 280 -19.04 -27.09 15.87
C GLY B 280 -17.98 -27.47 16.87
N PRO B 281 -17.79 -28.77 17.09
CA PRO B 281 -16.69 -29.20 17.97
C PRO B 281 -15.32 -28.79 17.46
N THR B 282 -15.13 -28.69 16.14
CA THR B 282 -13.81 -28.43 15.57
C THR B 282 -13.78 -27.28 14.57
N TYR B 283 -14.83 -26.46 14.49
CA TYR B 283 -14.83 -25.37 13.52
C TYR B 283 -15.55 -24.15 14.08
N LEU B 284 -15.17 -22.98 13.56
CA LEU B 284 -15.85 -21.71 13.82
C LEU B 284 -16.10 -21.02 12.49
N LEU B 285 -17.33 -20.55 12.29
CA LEU B 285 -17.70 -19.73 11.14
C LEU B 285 -17.97 -18.31 11.62
N ILE B 286 -17.25 -17.34 11.07
CA ILE B 286 -17.14 -16.01 11.64
C ILE B 286 -17.55 -14.97 10.60
N GLN B 287 -18.31 -13.97 11.06
CA GLN B 287 -18.63 -12.79 10.27
C GLN B 287 -17.73 -11.64 10.71
N LEU B 288 -17.04 -11.02 9.76
CA LEU B 288 -15.94 -10.11 10.11
C LEU B 288 -16.43 -8.74 10.57
N ASN B 289 -17.54 -8.24 10.01
CA ASN B 289 -18.10 -6.94 10.35
C ASN B 289 -17.10 -5.81 10.09
N ALA B 290 -16.15 -6.02 9.19
CA ALA B 290 -15.05 -5.07 8.98
C ALA B 290 -15.38 -3.94 8.01
N ASN B 291 -16.61 -3.86 7.50
CA ASN B 291 -16.96 -2.81 6.56
C ASN B 291 -17.03 -1.43 7.21
N SER B 292 -17.18 -1.37 8.53
CA SER B 292 -17.29 -0.11 9.25
C SER B 292 -15.98 0.15 10.01
N ILE B 293 -15.36 1.30 9.74
CA ILE B 293 -14.01 1.59 10.19
C ILE B 293 -14.00 2.99 10.78
N ILE B 294 -12.94 3.30 11.52
CA ILE B 294 -12.69 4.66 11.96
C ILE B 294 -11.58 5.38 11.20
N GLY B 295 -10.67 4.63 10.57
CA GLY B 295 -9.55 5.20 9.87
C GLY B 295 -9.89 5.63 8.46
N ASP B 296 -8.85 5.78 7.64
CA ASP B 296 -8.98 6.29 6.28
C ASP B 296 -8.69 5.16 5.29
N GLY B 297 -9.51 5.08 4.24
CA GLY B 297 -9.24 4.21 3.14
C GLY B 297 -8.07 4.69 2.29
N PRO B 298 -7.78 3.94 1.23
CA PRO B 298 -8.42 2.69 0.80
C PRO B 298 -7.90 1.50 1.61
N ILE B 299 -8.71 0.47 1.81
CA ILE B 299 -8.26 -0.75 2.46
C ILE B 299 -7.56 -1.62 1.43
N ILE B 300 -6.25 -1.80 1.59
CA ILE B 300 -5.47 -2.61 0.66
C ILE B 300 -5.22 -4.03 1.17
N LEU B 301 -5.50 -4.32 2.43
CA LEU B 301 -5.28 -5.66 2.98
C LEU B 301 -6.19 -5.87 4.18
N LYS B 302 -7.01 -6.92 4.14
CA LYS B 302 -7.92 -7.28 5.23
C LYS B 302 -7.50 -8.65 5.77
N GLU B 303 -7.16 -8.70 7.05
CA GLU B 303 -6.63 -9.90 7.68
C GLU B 303 -7.48 -10.35 8.86
N VAL B 304 -7.61 -11.68 9.00
CA VAL B 304 -8.20 -12.31 10.18
C VAL B 304 -7.08 -12.99 10.95
N GLU B 305 -6.94 -12.67 12.24
CA GLU B 305 -6.04 -13.39 13.13
C GLU B 305 -6.84 -14.12 14.20
N TYR B 306 -6.49 -15.40 14.43
CA TYR B 306 -7.13 -16.19 15.47
C TYR B 306 -6.07 -16.92 16.29
N ARG B 307 -6.35 -17.08 17.57
CA ARG B 307 -5.42 -17.64 18.54
C ARG B 307 -6.19 -18.45 19.56
N MET B 308 -5.57 -19.52 20.04
CA MET B 308 -6.02 -20.15 21.26
C MET B 308 -5.73 -19.27 22.46
N THR B 309 -6.66 -19.27 23.42
CA THR B 309 -6.51 -18.39 24.58
C THR B 309 -5.26 -18.72 25.38
N SER B 310 -4.70 -19.92 25.22
CA SER B 310 -3.39 -20.21 25.81
C SER B 310 -2.29 -19.41 25.14
N GLY B 311 -2.62 -18.69 24.06
CA GLY B 311 -1.72 -17.88 23.25
C GLY B 311 -0.26 -18.25 23.10
N SER B 312 0.05 -19.51 22.80
CA SER B 312 1.43 -19.83 22.46
C SER B 312 1.73 -19.50 21.00
N TRP B 313 0.71 -19.47 20.16
CA TRP B 313 0.87 -19.21 18.74
C TRP B 313 -0.33 -18.41 18.23
N THR B 314 -0.12 -17.65 17.16
CA THR B 314 -1.18 -16.85 16.56
C THR B 314 -1.16 -17.06 15.05
N GLU B 315 -2.34 -17.27 14.47
CA GLU B 315 -2.47 -17.54 13.04
C GLU B 315 -3.17 -16.38 12.36
N THR B 316 -2.55 -15.84 11.31
CA THR B 316 -3.05 -14.66 10.60
C THR B 316 -3.26 -14.99 9.13
N HIS B 317 -4.47 -14.75 8.63
CA HIS B 317 -4.84 -15.06 7.25
C HIS B 317 -5.36 -13.82 6.55
N ALA B 318 -4.95 -13.63 5.29
CA ALA B 318 -5.53 -12.60 4.45
C ALA B 318 -6.88 -13.08 3.93
N VAL B 319 -7.92 -12.29 4.16
CA VAL B 319 -9.28 -12.66 3.83
C VAL B 319 -9.94 -11.50 3.11
N ASN B 320 -10.63 -11.81 2.01
CA ASN B 320 -11.26 -10.79 1.16
C ASN B 320 -12.73 -11.13 0.95
N ALA B 321 -13.41 -11.50 2.03
CA ALA B 321 -14.81 -11.91 1.98
C ALA B 321 -15.48 -11.47 3.28
N PRO B 322 -16.81 -11.34 3.29
CA PRO B 322 -17.50 -10.98 4.54
C PRO B 322 -17.40 -12.05 5.61
N THR B 323 -17.21 -13.30 5.23
CA THR B 323 -17.25 -14.42 6.16
C THR B 323 -16.03 -15.31 5.96
N TYR B 324 -15.59 -15.92 7.06
CA TYR B 324 -14.43 -16.80 7.04
C TYR B 324 -14.70 -17.99 7.96
N LYS B 325 -14.06 -19.12 7.66
CA LYS B 325 -14.27 -20.35 8.39
C LYS B 325 -12.94 -20.93 8.84
N LEU B 326 -12.87 -21.33 10.11
CA LEU B 326 -11.69 -21.95 10.70
C LEU B 326 -12.05 -23.38 11.08
N TRP B 327 -11.12 -24.32 10.89
CA TRP B 327 -11.48 -25.72 11.05
C TRP B 327 -10.32 -26.52 11.66
N HIS B 328 -10.67 -27.73 12.08
CA HIS B 328 -9.81 -28.61 12.88
C HIS B 328 -9.28 -27.91 14.14
N LEU B 329 -10.16 -27.12 14.76
CA LEU B 329 -9.91 -26.57 16.09
C LEU B 329 -10.19 -27.63 17.15
N ASP B 330 -9.63 -27.43 18.33
CA ASP B 330 -9.91 -28.42 19.37
C ASP B 330 -11.25 -28.15 20.05
N PRO B 331 -11.97 -29.21 20.38
CA PRO B 331 -13.25 -29.04 21.09
C PRO B 331 -13.06 -28.43 22.48
N ASP B 332 -14.09 -27.68 22.88
CA ASP B 332 -14.16 -27.03 24.19
C ASP B 332 -12.89 -26.25 24.52
N THR B 333 -12.36 -25.54 23.53
CA THR B 333 -11.22 -24.65 23.71
C THR B 333 -11.61 -23.26 23.22
N GLU B 334 -11.13 -22.23 23.92
CA GLU B 334 -11.55 -20.86 23.67
C GLU B 334 -10.60 -20.17 22.70
N TYR B 335 -11.16 -19.49 21.71
CA TYR B 335 -10.37 -18.81 20.69
C TYR B 335 -10.70 -17.32 20.71
N GLU B 336 -9.67 -16.49 20.47
CA GLU B 336 -9.82 -15.06 20.28
C GLU B 336 -9.54 -14.74 18.82
N ILE B 337 -10.47 -14.01 18.19
CA ILE B 337 -10.40 -13.70 16.77
C ILE B 337 -10.52 -12.20 16.57
N ARG B 338 -9.60 -11.62 15.79
CA ARG B 338 -9.57 -10.20 15.50
C ARG B 338 -9.41 -9.99 14.00
N VAL B 339 -9.80 -8.81 13.54
CA VAL B 339 -9.63 -8.41 12.14
C VAL B 339 -8.67 -7.23 12.10
N LEU B 340 -7.67 -7.31 11.23
CA LEU B 340 -6.72 -6.23 10.99
C LEU B 340 -6.93 -5.63 9.61
N LEU B 341 -6.91 -4.30 9.53
CA LEU B 341 -7.03 -3.58 8.28
C LEU B 341 -5.77 -2.75 8.04
N THR B 342 -5.38 -2.64 6.77
CA THR B 342 -4.17 -1.92 6.38
C THR B 342 -4.47 -1.00 5.21
N ARG B 343 -3.93 0.21 5.29
CA ARG B 343 -3.98 1.21 4.24
C ARG B 343 -2.56 1.47 3.73
N PRO B 344 -2.41 2.21 2.63
CA PRO B 344 -1.07 2.41 2.05
C PRO B 344 -0.08 3.05 3.02
N GLY B 345 1.20 2.77 2.77
CA GLY B 345 2.29 3.51 3.37
C GLY B 345 2.73 3.01 4.73
N GLU B 346 3.87 3.55 5.15
CA GLU B 346 4.44 3.24 6.45
C GLU B 346 3.47 3.61 7.56
N GLY B 347 3.28 2.70 8.51
CA GLY B 347 2.30 2.92 9.54
C GLY B 347 0.87 2.70 9.10
N GLY B 348 0.66 2.22 7.87
CA GLY B 348 -0.68 2.03 7.36
C GLY B 348 -1.41 0.83 7.93
N THR B 349 -0.71 -0.02 8.68
CA THR B 349 -1.36 -1.11 9.38
C THR B 349 -1.96 -0.56 10.67
N GLY B 350 -3.27 -0.65 10.81
CA GLY B 350 -3.95 -0.11 11.97
C GLY B 350 -3.81 -1.01 13.18
N LEU B 351 -4.48 -0.62 14.25
CA LEU B 351 -4.48 -1.47 15.43
C LEU B 351 -5.50 -2.58 15.25
N PRO B 352 -5.25 -3.75 15.85
CA PRO B 352 -6.19 -4.87 15.70
C PRO B 352 -7.58 -4.49 16.19
N GLY B 353 -8.59 -4.99 15.48
CA GLY B 353 -9.96 -4.70 15.81
C GLY B 353 -10.38 -5.31 17.13
N PRO B 354 -11.62 -5.05 17.52
CA PRO B 354 -12.15 -5.61 18.76
C PRO B 354 -12.28 -7.12 18.66
N PRO B 355 -11.94 -7.85 19.72
CA PRO B 355 -11.89 -9.31 19.60
C PRO B 355 -13.26 -9.95 19.74
N LEU B 356 -13.44 -11.05 19.01
CA LEU B 356 -14.46 -12.03 19.33
C LEU B 356 -13.80 -13.13 20.15
N ILE B 357 -14.34 -13.41 21.34
CA ILE B 357 -13.84 -14.48 22.20
C ILE B 357 -14.95 -15.51 22.37
N THR B 358 -14.73 -16.70 21.82
CA THR B 358 -15.72 -17.78 21.84
C THR B 358 -14.96 -19.09 21.88
N ARG B 359 -15.70 -20.18 22.07
CA ARG B 359 -15.11 -21.51 22.14
C ARG B 359 -15.89 -22.48 21.26
N THR B 360 -15.22 -23.56 20.89
CA THR B 360 -15.83 -24.66 20.14
C THR B 360 -16.73 -25.52 21.04
N LYS B 361 -17.61 -26.28 20.39
CA LYS B 361 -18.46 -27.23 21.09
C LYS B 361 -17.63 -28.38 21.65
N GLY B 362 -18.27 -29.22 22.47
CA GLY B 362 -17.60 -30.33 23.12
C GLY B 362 -17.88 -31.75 22.63
N THR B 363 -19.01 -31.96 21.96
CA THR B 363 -19.56 -33.30 21.62
C THR B 363 -19.35 -34.29 22.76
#